data_4GWN
#
_entry.id   4GWN
#
_cell.length_a   74.960
_cell.length_b   74.960
_cell.length_c   502.650
_cell.angle_alpha   90.00
_cell.angle_beta   90.00
_cell.angle_gamma   120.00
#
_symmetry.space_group_name_H-M   'P 61 2 2'
#
loop_
_entity.id
_entity.type
_entity.pdbx_description
1 polymer 'Meprin A subunit beta'
2 branched 2-acetamido-2-deoxy-beta-D-glucopyranose-(1-4)-2-acetamido-2-deoxy-beta-D-glucopyranose
3 branched alpha-D-mannopyranose-(1-3)-[alpha-D-mannopyranose-(1-6)]beta-D-mannopyranose-(1-4)-2-acetamido-2-deoxy-beta-D-glucopyranose-(1-4)-[alpha-L-fucopyranose-(1-3)][alpha-L-fucopyranose-(1-6)]2-acetamido-2-deoxy-beta-D-glucopyranose
4 branched alpha-D-mannopyranose-(1-2)-alpha-D-mannopyranose-(1-3)-[alpha-D-mannopyranose-(1-2)-alpha-D-mannopyranose-(1-6)]alpha-D-mannopyranose-(1-6)-[alpha-D-mannopyranose-(1-2)-alpha-D-mannopyranose-(1-3)]beta-D-mannopyranose-(1-4)-2-acetamido-2-deoxy-beta-D-glucopyranose-(1-4)-2-acetamido-2-deoxy-beta-D-glucopyranose
5 branched 2-acetamido-2-deoxy-beta-D-glucopyranose-(1-4)-[alpha-L-fucopyranose-(1-6)]2-acetamido-2-deoxy-beta-D-glucopyranose
6 non-polymer 'CADMIUM ION'
7 non-polymer 'SODIUM ION'
8 non-polymer 2-acetamido-2-deoxy-beta-D-glucopyranose
9 non-polymer GLYCEROL
#
_entity_poly.entity_id   1
_entity_poly.type   'polypeptide(L)'
_entity_poly.pdbx_seq_one_letter_code
;NSIIGEKYRWPHTIPYVLEDSLEMNAKGVILNAFERYRLKTCIDFKPWAGETNYISVFKGSGCWSSVGNRRVGKQELSIG
ANCDRIATVQHEFLHALGFWHEQSRSDRDDYVRIMWDRILSGREHNFNTYSDDISDSLNVPYDYTSVMHYSKTAFQNGTE
PTIVTRISDFEDVIGQRMDFSDSDLLKLNQLYNCSSSLSFMDSCSFELENVCGMIQSSGDNADWQRVSQVPRGPESDHSN
MGQCQGSGFFMHFDSSSVNVGATAVLESRTLYPKRGFQCLQFYLYNSGSESDQLNIYIREYSADNVDGNLTLVEEIKEIP
TGSWQLYHVTLKVTKKFRVVFEGRKGSGASLGGLSIDDINLSETRCPHHIWHIRNFTQFIGSPNGTLYSPPFYSSKGYAF
QIYLNLAHVTNAGIYFHLISGANDDQLQWPCPWQQATMTLLDQNPDIRQRMSNQRSITTDPFMTTDNGNYFWDRPSKVGT
VALFSNGTQFRRGGGYGTSAFITHERLKSRDFIKGDDVYILLTVEDISHLNSTQIQLTPAPSVQDLCSKTTCK
;
_entity_poly.pdbx_strand_id   A
#
loop_
_chem_comp.id
_chem_comp.type
_chem_comp.name
_chem_comp.formula
BMA D-saccharide, beta linking beta-D-mannopyranose 'C6 H12 O6'
CD non-polymer 'CADMIUM ION' 'Cd 2'
FUC L-saccharide, alpha linking alpha-L-fucopyranose 'C6 H12 O5'
GOL non-polymer GLYCEROL 'C3 H8 O3'
MAN D-saccharide, alpha linking alpha-D-mannopyranose 'C6 H12 O6'
NA non-polymer 'SODIUM ION' 'Na 1'
NAG D-saccharide, beta linking 2-acetamido-2-deoxy-beta-D-glucopyranose 'C8 H15 N O6'
#
# COMPACT_ATOMS: atom_id res chain seq x y z
N ASN A 1 -9.11 -22.81 -11.44
CA ASN A 1 -9.24 -21.37 -11.20
C ASN A 1 -8.82 -20.61 -12.47
N SER A 2 -7.64 -20.94 -13.04
CA SER A 2 -7.13 -20.34 -14.29
C SER A 2 -7.88 -20.96 -15.47
N ILE A 3 -8.05 -20.22 -16.56
CA ILE A 3 -8.75 -20.74 -17.74
C ILE A 3 -7.75 -21.62 -18.56
N ILE A 4 -8.28 -22.69 -19.16
CA ILE A 4 -7.53 -23.63 -20.00
C ILE A 4 -7.57 -23.07 -21.43
N GLY A 5 -6.40 -22.84 -22.02
CA GLY A 5 -6.28 -22.30 -23.37
C GLY A 5 -5.25 -21.21 -23.52
N GLU A 6 -4.50 -21.25 -24.64
CA GLU A 6 -3.46 -20.26 -24.95
C GLU A 6 -4.04 -19.01 -25.62
N LYS A 7 -5.21 -19.17 -26.29
CA LYS A 7 -5.91 -18.08 -26.99
C LYS A 7 -6.43 -17.00 -26.04
N TYR A 8 -6.60 -17.34 -24.76
CA TYR A 8 -7.11 -16.45 -23.71
C TYR A 8 -5.98 -15.63 -23.02
N ARG A 9 -4.73 -15.76 -23.50
CA ARG A 9 -3.59 -15.04 -22.94
C ARG A 9 -3.39 -13.69 -23.63
N TRP A 10 -3.39 -12.64 -22.82
CA TRP A 10 -3.11 -11.27 -23.25
C TRP A 10 -1.61 -11.08 -23.42
N PRO A 11 -1.11 -10.10 -24.21
CA PRO A 11 0.35 -9.85 -24.20
C PRO A 11 0.73 -9.28 -22.84
N HIS A 12 2.00 -9.42 -22.40
CA HIS A 12 2.47 -8.96 -21.09
C HIS A 12 2.11 -7.48 -20.81
N THR A 13 2.01 -6.66 -21.85
CA THR A 13 1.57 -5.28 -21.73
C THR A 13 0.16 -5.22 -22.32
N ILE A 14 -0.84 -4.88 -21.47
CA ILE A 14 -2.26 -4.84 -21.88
C ILE A 14 -2.68 -3.42 -22.39
N PRO A 15 -3.25 -3.30 -23.61
CA PRO A 15 -3.71 -1.98 -24.08
C PRO A 15 -5.02 -1.60 -23.38
N TYR A 16 -5.08 -0.38 -22.83
CA TYR A 16 -6.28 0.02 -22.09
C TYR A 16 -6.84 1.37 -22.50
N VAL A 17 -8.13 1.56 -22.21
CA VAL A 17 -8.88 2.78 -22.42
C VAL A 17 -9.73 3.01 -21.19
N LEU A 18 -9.50 4.13 -20.52
CA LEU A 18 -10.28 4.55 -19.37
C LEU A 18 -11.39 5.47 -19.92
N GLU A 19 -12.57 4.88 -20.21
CA GLU A 19 -13.72 5.60 -20.79
C GLU A 19 -14.16 6.80 -19.93
N ASP A 20 -14.71 7.84 -20.58
CA ASP A 20 -15.16 9.09 -19.96
C ASP A 20 -16.39 8.89 -19.05
N SER A 21 -17.15 7.77 -19.23
CA SER A 21 -18.32 7.41 -18.42
C SER A 21 -17.92 7.17 -16.96
N LEU A 22 -16.71 6.61 -16.72
CA LEU A 22 -16.12 6.31 -15.42
C LEU A 22 -16.09 7.52 -14.49
N GLU A 23 -16.31 7.26 -13.19
CA GLU A 23 -16.26 8.25 -12.13
C GLU A 23 -14.82 8.69 -11.96
N MET A 24 -14.60 9.98 -11.64
CA MET A 24 -13.27 10.55 -11.48
C MET A 24 -12.45 9.74 -10.48
N ASN A 25 -13.06 9.39 -9.33
CA ASN A 25 -12.41 8.59 -8.29
C ASN A 25 -12.06 7.20 -8.82
N ALA A 26 -12.92 6.60 -9.67
CA ALA A 26 -12.67 5.29 -10.26
C ALA A 26 -11.41 5.33 -11.12
N LYS A 27 -11.28 6.36 -11.99
CA LYS A 27 -10.14 6.57 -12.89
C LYS A 27 -8.80 6.59 -12.13
N GLY A 28 -8.73 7.36 -11.05
CA GLY A 28 -7.54 7.46 -10.22
C GLY A 28 -7.17 6.18 -9.49
N VAL A 29 -8.20 5.40 -9.10
CA VAL A 29 -8.08 4.14 -8.39
C VAL A 29 -7.64 3.03 -9.38
N ILE A 30 -8.17 3.03 -10.62
CA ILE A 30 -7.80 2.03 -11.65
C ILE A 30 -6.30 2.18 -12.00
N LEU A 31 -5.76 3.43 -12.02
CA LEU A 31 -4.36 3.70 -12.31
C LEU A 31 -3.47 3.29 -11.13
N ASN A 32 -4.00 3.38 -9.90
CA ASN A 32 -3.31 2.92 -8.69
C ASN A 32 -3.24 1.37 -8.69
N ALA A 33 -4.31 0.71 -9.19
CA ALA A 33 -4.38 -0.75 -9.30
C ALA A 33 -3.30 -1.28 -10.25
N PHE A 34 -3.02 -0.55 -11.36
CA PHE A 34 -1.97 -0.88 -12.33
C PHE A 34 -0.59 -0.82 -11.66
N GLU A 35 -0.40 0.13 -10.72
CA GLU A 35 0.84 0.30 -9.98
C GLU A 35 1.12 -0.91 -9.07
N ARG A 36 0.07 -1.60 -8.59
CA ARG A 36 0.21 -2.80 -7.78
C ARG A 36 0.64 -3.99 -8.66
N TYR A 37 0.09 -4.04 -9.90
CA TYR A 37 0.44 -5.05 -10.90
C TYR A 37 1.89 -4.84 -11.37
N ARG A 38 2.35 -3.58 -11.46
CA ARG A 38 3.70 -3.26 -11.95
C ARG A 38 4.79 -3.61 -10.93
N LEU A 39 4.44 -3.68 -9.62
CA LEU A 39 5.38 -3.97 -8.53
C LEU A 39 5.43 -5.46 -8.17
N LYS A 40 4.29 -6.14 -8.23
CA LYS A 40 4.15 -7.53 -7.81
C LYS A 40 4.06 -8.56 -8.96
N THR A 41 3.84 -8.11 -10.21
CA THR A 41 3.73 -9.02 -11.35
C THR A 41 4.61 -8.51 -12.51
N CYS A 42 4.67 -9.26 -13.63
CA CYS A 42 5.40 -8.83 -14.83
C CYS A 42 4.40 -8.22 -15.84
N ILE A 43 3.11 -8.18 -15.45
CA ILE A 43 2.01 -7.63 -16.25
C ILE A 43 2.04 -6.11 -16.16
N ASP A 44 2.20 -5.46 -17.31
CA ASP A 44 2.19 -4.00 -17.42
C ASP A 44 0.95 -3.58 -18.22
N PHE A 45 0.64 -2.28 -18.17
CA PHE A 45 -0.49 -1.66 -18.86
C PHE A 45 -0.02 -0.42 -19.57
N LYS A 46 -0.53 -0.18 -20.77
CA LYS A 46 -0.20 0.99 -21.57
C LYS A 46 -1.45 1.47 -22.33
N PRO A 47 -1.64 2.81 -22.49
CA PRO A 47 -2.82 3.30 -23.22
C PRO A 47 -2.86 2.77 -24.64
N TRP A 48 -4.05 2.33 -25.08
CA TRP A 48 -4.34 1.74 -26.38
C TRP A 48 -3.89 2.67 -27.52
N ALA A 49 -3.02 2.14 -28.40
CA ALA A 49 -2.42 2.86 -29.52
C ALA A 49 -2.96 2.40 -30.91
N GLY A 50 -3.89 1.45 -30.91
CA GLY A 50 -4.49 0.93 -32.13
C GLY A 50 -4.40 -0.58 -32.28
N GLU A 51 -4.05 -1.27 -31.16
CA GLU A 51 -3.93 -2.73 -31.08
C GLU A 51 -5.28 -3.41 -31.42
N THR A 52 -5.22 -4.66 -31.92
CA THR A 52 -6.42 -5.40 -32.31
C THR A 52 -7.35 -5.61 -31.10
N ASN A 53 -6.83 -6.17 -29.97
CA ASN A 53 -7.60 -6.45 -28.75
C ASN A 53 -7.12 -5.59 -27.58
N TYR A 54 -8.08 -4.93 -26.88
CA TYR A 54 -7.79 -4.06 -25.74
C TYR A 54 -8.92 -4.08 -24.68
N ILE A 55 -8.62 -3.59 -23.45
CA ILE A 55 -9.61 -3.53 -22.37
C ILE A 55 -10.18 -2.11 -22.31
N SER A 56 -11.51 -2.01 -22.40
CA SER A 56 -12.29 -0.78 -22.35
C SER A 56 -12.98 -0.67 -20.99
N VAL A 57 -12.32 0.03 -20.04
CA VAL A 57 -12.85 0.22 -18.70
C VAL A 57 -13.90 1.32 -18.75
N PHE A 58 -15.15 0.98 -18.45
CA PHE A 58 -16.29 1.90 -18.49
C PHE A 58 -17.18 1.73 -17.26
N LYS A 59 -18.15 2.65 -17.08
CA LYS A 59 -19.10 2.63 -15.97
C LYS A 59 -20.42 1.97 -16.40
N GLY A 60 -20.53 0.68 -16.13
CA GLY A 60 -21.73 -0.08 -16.42
C GLY A 60 -22.50 -0.37 -15.14
N SER A 61 -23.33 -1.43 -15.14
CA SER A 61 -24.09 -1.81 -13.96
C SER A 61 -23.26 -2.76 -13.10
N GLY A 62 -22.67 -2.19 -12.04
CA GLY A 62 -21.83 -2.92 -11.09
C GLY A 62 -20.40 -3.13 -11.57
N CYS A 63 -19.71 -4.13 -10.98
CA CYS A 63 -18.34 -4.46 -11.36
C CYS A 63 -18.29 -5.87 -11.89
N TRP A 64 -17.84 -6.01 -13.15
CA TRP A 64 -17.76 -7.29 -13.85
C TRP A 64 -16.70 -7.28 -14.96
N SER A 65 -16.34 -8.48 -15.47
CA SER A 65 -15.39 -8.70 -16.56
C SER A 65 -15.47 -10.12 -17.15
N SER A 66 -15.05 -10.25 -18.42
CA SER A 66 -14.96 -11.53 -19.12
C SER A 66 -13.70 -12.25 -18.61
N VAL A 67 -13.69 -13.58 -18.63
CA VAL A 67 -12.54 -14.33 -18.13
C VAL A 67 -11.58 -14.65 -19.31
N GLY A 68 -10.41 -14.01 -19.27
CA GLY A 68 -9.37 -14.15 -20.28
C GLY A 68 -9.53 -13.25 -21.49
N ASN A 69 -8.50 -13.21 -22.37
CA ASN A 69 -8.51 -12.45 -23.61
C ASN A 69 -9.50 -13.11 -24.57
N ARG A 70 -10.69 -12.52 -24.68
CA ARG A 70 -11.78 -13.05 -25.49
C ARG A 70 -11.53 -12.89 -27.01
N ARG A 71 -10.57 -12.02 -27.41
CA ARG A 71 -10.16 -11.74 -28.80
C ARG A 71 -11.36 -11.26 -29.65
N VAL A 72 -12.11 -10.29 -29.09
CA VAL A 72 -13.30 -9.66 -29.68
C VAL A 72 -13.02 -8.20 -30.09
N GLY A 73 -11.80 -7.74 -29.80
CA GLY A 73 -11.39 -6.36 -30.05
C GLY A 73 -11.57 -5.59 -28.77
N LYS A 74 -12.57 -4.69 -28.76
CA LYS A 74 -12.92 -3.85 -27.60
C LYS A 74 -13.56 -4.75 -26.53
N GLN A 75 -12.77 -5.14 -25.53
CA GLN A 75 -13.24 -5.98 -24.45
C GLN A 75 -13.65 -5.09 -23.28
N GLU A 76 -14.94 -5.12 -22.95
CA GLU A 76 -15.50 -4.30 -21.89
C GLU A 76 -15.10 -4.82 -20.51
N LEU A 77 -15.01 -3.89 -19.55
CA LEU A 77 -14.73 -4.12 -18.14
C LEU A 77 -15.45 -3.02 -17.38
N SER A 78 -16.44 -3.40 -16.56
CA SER A 78 -17.22 -2.42 -15.83
C SER A 78 -16.72 -2.20 -14.42
N ILE A 79 -16.55 -0.91 -14.06
CA ILE A 79 -16.22 -0.40 -12.73
C ILE A 79 -17.29 0.66 -12.49
N GLY A 80 -18.49 0.20 -12.16
CA GLY A 80 -19.66 1.05 -11.95
C GLY A 80 -19.66 1.78 -10.63
N ALA A 81 -20.87 2.06 -10.13
CA ALA A 81 -21.06 2.74 -8.85
C ALA A 81 -20.64 1.83 -7.69
N ASN A 82 -19.86 2.39 -6.75
CA ASN A 82 -19.33 1.76 -5.53
C ASN A 82 -18.24 0.69 -5.82
N CYS A 83 -17.70 0.66 -7.05
CA CYS A 83 -16.65 -0.29 -7.44
C CYS A 83 -15.28 0.41 -7.49
N ASP A 84 -15.24 1.69 -7.07
CA ASP A 84 -14.03 2.51 -7.05
C ASP A 84 -13.14 2.18 -5.82
N ARG A 85 -12.72 0.89 -5.74
CA ARG A 85 -11.84 0.30 -4.72
C ARG A 85 -10.73 -0.48 -5.44
N ILE A 86 -9.45 -0.24 -5.06
CA ILE A 86 -8.25 -0.84 -5.67
C ILE A 86 -8.37 -2.38 -5.80
N ALA A 87 -8.78 -3.08 -4.73
CA ALA A 87 -8.95 -4.53 -4.69
C ALA A 87 -10.03 -4.98 -5.65
N THR A 88 -11.13 -4.19 -5.76
CA THR A 88 -12.22 -4.49 -6.69
C THR A 88 -11.67 -4.42 -8.14
N VAL A 89 -10.86 -3.38 -8.45
CA VAL A 89 -10.26 -3.20 -9.78
C VAL A 89 -9.23 -4.35 -10.04
N GLN A 90 -8.47 -4.76 -9.03
CA GLN A 90 -7.50 -5.86 -9.16
C GLN A 90 -8.24 -7.17 -9.46
N HIS A 91 -9.36 -7.42 -8.74
CA HIS A 91 -10.22 -8.60 -8.85
C HIS A 91 -10.71 -8.75 -10.28
N GLU A 92 -11.35 -7.72 -10.81
CA GLU A 92 -11.91 -7.68 -12.16
C GLU A 92 -10.83 -7.80 -13.23
N PHE A 93 -9.59 -7.36 -12.96
CA PHE A 93 -8.53 -7.49 -13.94
C PHE A 93 -7.96 -8.90 -13.92
N LEU A 94 -7.98 -9.57 -12.74
CA LEU A 94 -7.54 -10.97 -12.62
C LEU A 94 -8.49 -11.88 -13.42
N HIS A 95 -9.78 -11.46 -13.58
CA HIS A 95 -10.78 -12.15 -14.41
C HIS A 95 -10.35 -12.01 -15.86
N ALA A 96 -10.06 -10.76 -16.27
CA ALA A 96 -9.61 -10.38 -17.60
C ALA A 96 -8.32 -11.11 -17.99
N LEU A 97 -7.42 -11.33 -17.02
CA LEU A 97 -6.15 -12.04 -17.24
C LEU A 97 -6.34 -13.55 -17.42
N GLY A 98 -7.50 -14.08 -16.98
CA GLY A 98 -7.84 -15.49 -17.16
C GLY A 98 -8.14 -16.31 -15.92
N PHE A 99 -8.62 -15.66 -14.84
CA PHE A 99 -8.92 -16.37 -13.62
C PHE A 99 -10.38 -16.26 -13.24
N TRP A 100 -10.95 -17.35 -12.74
CA TRP A 100 -12.30 -17.33 -12.22
C TRP A 100 -12.23 -16.98 -10.71
N HIS A 101 -13.36 -17.06 -9.97
CA HIS A 101 -13.35 -16.82 -8.53
C HIS A 101 -12.66 -17.99 -7.83
N GLU A 102 -12.10 -17.76 -6.61
CA GLU A 102 -11.42 -18.85 -5.88
C GLU A 102 -12.43 -19.95 -5.51
N GLN A 103 -13.68 -19.57 -5.22
CA GLN A 103 -14.72 -20.55 -4.90
C GLN A 103 -15.31 -21.19 -6.21
N SER A 104 -14.65 -20.98 -7.36
CA SER A 104 -15.03 -21.57 -8.65
C SER A 104 -14.09 -22.75 -8.96
N ARG A 105 -13.00 -22.90 -8.14
CA ARG A 105 -12.01 -23.99 -8.25
C ARG A 105 -12.75 -25.34 -8.36
N SER A 106 -12.30 -26.25 -9.24
CA SER A 106 -12.97 -27.55 -9.44
C SER A 106 -13.18 -28.34 -8.11
N ASP A 107 -12.31 -28.12 -7.11
CA ASP A 107 -12.34 -28.78 -5.81
C ASP A 107 -13.03 -27.96 -4.70
N ARG A 108 -13.63 -26.79 -5.05
CA ARG A 108 -14.28 -25.88 -4.10
C ARG A 108 -15.24 -26.55 -3.11
N ASP A 109 -16.02 -27.56 -3.55
CA ASP A 109 -17.01 -28.22 -2.70
C ASP A 109 -16.36 -29.01 -1.55
N ASP A 110 -15.05 -29.30 -1.63
CA ASP A 110 -14.30 -30.00 -0.58
C ASP A 110 -13.84 -29.01 0.53
N TYR A 111 -14.05 -27.70 0.33
CA TYR A 111 -13.63 -26.67 1.28
C TYR A 111 -14.78 -25.76 1.74
N VAL A 112 -15.73 -25.46 0.84
CA VAL A 112 -16.88 -24.58 1.09
C VAL A 112 -18.19 -25.22 0.57
N ARG A 113 -19.32 -24.80 1.15
CA ARG A 113 -20.65 -25.23 0.76
C ARG A 113 -21.44 -24.02 0.24
N ILE A 114 -22.02 -24.14 -0.97
CA ILE A 114 -22.79 -23.05 -1.57
C ILE A 114 -24.26 -23.22 -1.19
N MET A 115 -24.79 -22.21 -0.46
CA MET A 115 -26.16 -22.17 0.03
C MET A 115 -27.02 -21.48 -1.04
N TRP A 116 -27.36 -22.25 -2.08
CA TRP A 116 -28.08 -21.84 -3.28
C TRP A 116 -29.39 -21.10 -3.07
N ASP A 117 -30.22 -21.52 -2.09
CA ASP A 117 -31.51 -20.89 -1.80
C ASP A 117 -31.33 -19.48 -1.14
N ARG A 118 -30.09 -19.14 -0.76
CA ARG A 118 -29.79 -17.87 -0.12
C ARG A 118 -29.20 -16.82 -1.10
N ILE A 119 -28.89 -17.23 -2.36
CA ILE A 119 -28.33 -16.32 -3.37
C ILE A 119 -29.48 -15.56 -4.05
N LEU A 120 -29.29 -14.24 -4.30
CA LEU A 120 -30.25 -13.36 -4.96
C LEU A 120 -30.49 -13.82 -6.38
N SER A 121 -31.77 -13.96 -6.77
CA SER A 121 -32.18 -14.39 -8.10
C SER A 121 -31.45 -13.58 -9.18
N GLY A 122 -30.74 -14.29 -10.06
CA GLY A 122 -29.97 -13.71 -11.14
C GLY A 122 -28.50 -13.44 -10.86
N ARG A 123 -27.95 -14.00 -9.76
CA ARG A 123 -26.54 -13.81 -9.40
C ARG A 123 -25.85 -15.14 -9.04
N GLU A 124 -26.37 -16.25 -9.57
CA GLU A 124 -25.83 -17.59 -9.33
C GLU A 124 -24.60 -17.84 -10.21
N HIS A 125 -24.56 -17.27 -11.44
CA HIS A 125 -23.47 -17.38 -12.45
C HIS A 125 -22.06 -17.05 -11.86
N ASN A 126 -22.06 -16.43 -10.68
CA ASN A 126 -20.85 -16.06 -9.97
C ASN A 126 -20.30 -17.24 -9.15
N PHE A 127 -21.14 -18.26 -8.89
CA PHE A 127 -20.81 -19.43 -8.07
C PHE A 127 -20.59 -20.72 -8.88
N ASN A 128 -20.37 -20.59 -10.20
CA ASN A 128 -20.14 -21.72 -11.11
C ASN A 128 -18.77 -22.36 -10.92
N THR A 129 -18.71 -23.70 -10.95
CA THR A 129 -17.48 -24.49 -10.87
C THR A 129 -17.04 -24.85 -12.26
N TYR A 130 -15.72 -24.93 -12.46
CA TYR A 130 -15.16 -25.29 -13.76
C TYR A 130 -14.14 -26.39 -13.54
N SER A 131 -14.43 -27.59 -14.09
CA SER A 131 -13.64 -28.82 -13.99
C SER A 131 -12.26 -28.72 -14.67
N ASP A 132 -11.40 -29.74 -14.44
CA ASP A 132 -10.03 -29.90 -14.96
C ASP A 132 -9.88 -29.61 -16.48
N ASP A 133 -10.84 -30.08 -17.30
CA ASP A 133 -10.84 -29.89 -18.77
C ASP A 133 -11.14 -28.42 -19.16
N ILE A 134 -11.58 -27.58 -18.20
CA ILE A 134 -11.94 -26.16 -18.39
C ILE A 134 -11.04 -25.25 -17.54
N SER A 135 -10.57 -25.74 -16.37
CA SER A 135 -9.75 -24.95 -15.44
C SER A 135 -8.48 -25.67 -14.97
N ASP A 136 -7.47 -24.87 -14.60
CA ASP A 136 -6.20 -25.32 -14.04
C ASP A 136 -5.97 -24.63 -12.70
N SER A 137 -5.60 -25.40 -11.67
CA SER A 137 -5.33 -24.89 -10.30
C SER A 137 -3.87 -24.48 -10.16
N LEU A 138 -3.03 -24.89 -11.13
CA LEU A 138 -1.59 -24.63 -11.26
C LEU A 138 -0.80 -25.11 -10.02
N ASN A 139 -1.23 -26.25 -9.44
CA ASN A 139 -0.65 -26.96 -8.29
C ASN A 139 -0.56 -26.07 -7.01
N VAL A 140 -1.53 -25.17 -6.86
CA VAL A 140 -1.62 -24.27 -5.70
C VAL A 140 -2.87 -24.67 -4.89
N PRO A 141 -2.81 -24.77 -3.53
CA PRO A 141 -4.01 -25.20 -2.77
C PRO A 141 -5.12 -24.14 -2.71
N TYR A 142 -6.36 -24.55 -2.27
CA TYR A 142 -7.50 -23.66 -2.09
C TYR A 142 -7.10 -22.58 -1.12
N ASP A 143 -7.27 -21.31 -1.49
CA ASP A 143 -6.86 -20.17 -0.66
C ASP A 143 -8.08 -19.39 -0.15
N TYR A 144 -8.33 -19.47 1.18
CA TYR A 144 -9.46 -18.79 1.83
C TYR A 144 -9.20 -17.26 1.89
N THR A 145 -7.93 -16.85 1.96
CA THR A 145 -7.56 -15.43 2.00
C THR A 145 -7.40 -14.81 0.61
N SER A 146 -7.83 -15.53 -0.44
CA SER A 146 -7.72 -15.04 -1.82
C SER A 146 -8.58 -13.80 -2.02
N VAL A 147 -8.08 -12.88 -2.86
CA VAL A 147 -8.78 -11.64 -3.20
C VAL A 147 -9.85 -11.97 -4.24
N MET A 148 -9.76 -13.18 -4.83
CA MET A 148 -10.70 -13.71 -5.82
C MET A 148 -11.78 -14.54 -5.13
N HIS A 149 -11.71 -14.66 -3.79
CA HIS A 149 -12.71 -15.41 -3.03
C HIS A 149 -13.77 -14.46 -2.49
N TYR A 150 -15.04 -14.81 -2.71
CA TYR A 150 -16.21 -14.07 -2.23
C TYR A 150 -16.35 -14.13 -0.71
N SER A 151 -17.08 -13.16 -0.14
CA SER A 151 -17.38 -13.12 1.31
C SER A 151 -18.52 -14.08 1.57
N LYS A 152 -18.79 -14.41 2.84
CA LYS A 152 -19.89 -15.32 3.17
C LYS A 152 -21.27 -14.70 2.82
N THR A 153 -21.36 -13.36 2.81
CA THR A 153 -22.56 -12.55 2.54
C THR A 153 -22.82 -12.30 1.04
N ALA A 154 -21.85 -12.59 0.17
CA ALA A 154 -21.94 -12.33 -1.27
C ALA A 154 -23.31 -12.72 -1.89
N PHE A 155 -24.09 -11.68 -2.26
CA PHE A 155 -25.43 -11.71 -2.86
C PHE A 155 -26.43 -12.51 -2.02
N GLN A 156 -26.39 -12.31 -0.69
CA GLN A 156 -27.27 -13.02 0.23
C GLN A 156 -28.68 -12.41 0.23
N ASN A 157 -29.67 -13.28 0.44
CA ASN A 157 -31.06 -12.94 0.59
C ASN A 157 -31.37 -13.16 2.05
N GLY A 158 -31.14 -12.13 2.86
CA GLY A 158 -31.34 -12.18 4.30
C GLY A 158 -30.05 -12.02 5.06
N THR A 159 -29.98 -12.59 6.29
CA THR A 159 -28.82 -12.50 7.19
C THR A 159 -27.98 -13.80 7.18
N GLU A 160 -28.52 -14.91 6.61
CA GLU A 160 -27.80 -16.19 6.58
C GLU A 160 -26.80 -16.20 5.41
N PRO A 161 -25.55 -16.71 5.64
CA PRO A 161 -24.51 -16.66 4.59
C PRO A 161 -24.70 -17.63 3.42
N THR A 162 -24.21 -17.23 2.22
CA THR A 162 -24.30 -18.04 0.99
C THR A 162 -23.12 -19.01 0.88
N ILE A 163 -21.95 -18.64 1.42
CA ILE A 163 -20.76 -19.48 1.40
C ILE A 163 -20.41 -19.86 2.85
N VAL A 164 -20.61 -21.14 3.18
CA VAL A 164 -20.30 -21.68 4.50
C VAL A 164 -19.03 -22.50 4.37
N THR A 165 -17.92 -22.03 4.94
CA THR A 165 -16.63 -22.74 4.91
C THR A 165 -16.74 -23.97 5.80
N ARG A 166 -16.46 -25.17 5.24
CA ARG A 166 -16.56 -26.46 5.94
C ARG A 166 -15.77 -26.43 7.27
N ILE A 167 -14.61 -25.75 7.28
CA ILE A 167 -13.83 -25.47 8.49
C ILE A 167 -14.37 -24.12 9.00
N SER A 168 -14.91 -24.09 10.22
CA SER A 168 -15.51 -22.91 10.84
C SER A 168 -14.52 -21.75 11.06
N ASP A 169 -13.22 -22.04 11.18
CA ASP A 169 -12.16 -21.05 11.39
C ASP A 169 -12.03 -20.05 10.24
N PHE A 170 -12.50 -20.41 9.04
CA PHE A 170 -12.39 -19.59 7.83
C PHE A 170 -13.66 -18.81 7.48
N GLU A 171 -14.72 -18.92 8.31
CA GLU A 171 -16.03 -18.28 8.09
C GLU A 171 -15.91 -16.79 7.81
N ASP A 172 -15.19 -16.06 8.66
CA ASP A 172 -15.00 -14.61 8.54
C ASP A 172 -13.73 -14.24 7.78
N VAL A 173 -12.89 -15.26 7.44
CA VAL A 173 -11.61 -15.10 6.74
C VAL A 173 -11.82 -14.83 5.24
N ILE A 174 -12.76 -15.56 4.59
CA ILE A 174 -13.04 -15.43 3.16
C ILE A 174 -13.62 -14.04 2.82
N GLY A 175 -13.28 -13.56 1.63
CA GLY A 175 -13.76 -12.30 1.10
C GLY A 175 -12.94 -11.05 1.42
N GLN A 176 -11.66 -11.22 1.84
CA GLN A 176 -10.79 -10.09 2.18
C GLN A 176 -10.62 -9.18 0.93
N ARG A 177 -10.63 -7.85 1.12
CA ARG A 177 -10.55 -6.89 0.01
C ARG A 177 -9.38 -5.91 0.18
N MET A 178 -8.17 -6.41 0.40
CA MET A 178 -7.01 -5.55 0.63
C MET A 178 -6.07 -5.48 -0.56
N ASP A 179 -5.59 -6.65 -1.04
CA ASP A 179 -4.63 -6.81 -2.13
C ASP A 179 -4.59 -8.30 -2.58
N PHE A 180 -3.73 -8.61 -3.57
CA PHE A 180 -3.47 -9.97 -4.05
C PHE A 180 -2.96 -10.81 -2.91
N SER A 181 -3.30 -12.10 -2.89
CA SER A 181 -2.73 -13.00 -1.88
C SER A 181 -1.45 -13.59 -2.48
N ASP A 182 -0.54 -14.12 -1.62
CA ASP A 182 0.71 -14.75 -2.08
C ASP A 182 0.41 -15.86 -3.08
N SER A 183 -0.75 -16.53 -2.89
CA SER A 183 -1.25 -17.59 -3.73
C SER A 183 -1.83 -17.03 -5.04
N ASP A 184 -2.44 -15.83 -5.01
CA ASP A 184 -3.00 -15.19 -6.21
C ASP A 184 -1.87 -14.91 -7.21
N LEU A 185 -0.81 -14.22 -6.72
CA LEU A 185 0.40 -13.84 -7.45
C LEU A 185 1.12 -15.05 -7.99
N LEU A 186 1.18 -16.15 -7.19
CA LEU A 186 1.85 -17.38 -7.58
C LEU A 186 1.21 -17.98 -8.82
N LYS A 187 -0.14 -18.07 -8.85
CA LYS A 187 -0.90 -18.58 -10.00
C LYS A 187 -0.72 -17.66 -11.23
N LEU A 188 -0.83 -16.32 -11.03
CA LEU A 188 -0.73 -15.33 -12.09
C LEU A 188 0.68 -15.27 -12.68
N ASN A 189 1.71 -15.31 -11.83
CA ASN A 189 3.09 -15.26 -12.31
C ASN A 189 3.46 -16.56 -13.03
N GLN A 190 2.86 -17.69 -12.62
CA GLN A 190 3.09 -18.98 -13.29
C GLN A 190 2.41 -19.03 -14.66
N LEU A 191 1.24 -18.36 -14.80
CA LEU A 191 0.44 -18.36 -16.03
C LEU A 191 1.10 -17.55 -17.16
N TYR A 192 1.77 -16.43 -16.82
CA TYR A 192 2.42 -15.58 -17.79
C TYR A 192 3.96 -15.70 -17.77
N ASN A 193 4.47 -16.66 -16.95
CA ASN A 193 5.89 -16.98 -16.72
C ASN A 193 6.68 -15.69 -16.33
N CYS A 194 6.17 -14.97 -15.32
CA CYS A 194 6.75 -13.72 -14.81
C CYS A 194 8.07 -13.95 -14.15
N SER A 195 9.05 -13.16 -14.55
CA SER A 195 10.42 -13.22 -14.04
C SER A 195 10.71 -12.01 -13.18
N SER A 196 10.31 -10.82 -13.67
CA SER A 196 10.56 -9.54 -13.00
C SER A 196 9.27 -8.73 -12.82
N SER A 197 9.44 -7.42 -12.60
CA SER A 197 8.40 -6.41 -12.42
C SER A 197 8.95 -5.08 -12.89
N LEU A 198 8.10 -4.07 -13.02
CA LEU A 198 8.57 -2.76 -13.44
C LEU A 198 9.08 -1.94 -12.23
N SER A 199 8.31 -1.92 -11.12
CA SER A 199 8.57 -1.12 -9.94
C SER A 199 9.51 -1.73 -8.91
N PHE A 200 9.52 -3.05 -8.69
CA PHE A 200 10.37 -3.60 -7.63
C PHE A 200 11.86 -3.45 -7.94
N MET A 201 12.63 -2.96 -6.96
CA MET A 201 14.08 -2.75 -7.06
C MET A 201 14.85 -3.61 -6.06
N ASP A 202 14.55 -3.50 -4.75
CA ASP A 202 15.26 -4.27 -3.71
C ASP A 202 14.52 -4.34 -2.37
N SER A 203 14.79 -5.42 -1.60
CA SER A 203 14.30 -5.67 -0.25
C SER A 203 15.46 -6.23 0.55
N CYS A 204 15.78 -5.62 1.70
CA CYS A 204 16.92 -6.04 2.52
C CYS A 204 16.57 -6.10 4.01
N SER A 205 16.43 -7.33 4.56
CA SER A 205 16.10 -7.57 5.97
C SER A 205 17.30 -8.09 6.77
N PHE A 206 18.47 -8.25 6.10
CA PHE A 206 19.77 -8.68 6.64
C PHE A 206 19.69 -10.09 7.27
N GLU A 207 18.86 -10.98 6.70
CA GLU A 207 18.68 -12.36 7.22
C GLU A 207 19.78 -13.32 6.75
N LEU A 208 20.71 -12.84 5.89
CA LEU A 208 21.84 -13.61 5.37
C LEU A 208 23.13 -12.84 5.56
N GLU A 209 24.23 -13.55 5.80
CA GLU A 209 25.57 -13.00 6.07
C GLU A 209 26.11 -12.06 4.95
N ASN A 210 25.67 -12.25 3.68
CA ASN A 210 26.09 -11.46 2.51
C ASN A 210 25.40 -10.08 2.46
N VAL A 211 24.42 -9.85 3.36
CA VAL A 211 23.62 -8.63 3.57
C VAL A 211 23.24 -7.94 2.24
N CYS A 212 22.51 -8.66 1.36
CA CYS A 212 21.99 -8.22 0.05
C CYS A 212 23.07 -7.55 -0.83
N GLY A 213 24.31 -7.98 -0.64
CA GLY A 213 25.45 -7.43 -1.37
C GLY A 213 25.86 -6.04 -0.92
N MET A 214 25.40 -5.60 0.28
CA MET A 214 25.74 -4.28 0.82
C MET A 214 27.17 -4.24 1.34
N ILE A 215 27.98 -3.32 0.80
CA ILE A 215 29.38 -3.16 1.16
C ILE A 215 29.56 -2.04 2.19
N GLN A 216 30.27 -2.34 3.27
CA GLN A 216 30.56 -1.42 4.36
C GLN A 216 32.06 -1.17 4.32
N SER A 217 32.47 0.06 3.97
CA SER A 217 33.88 0.43 3.89
C SER A 217 34.08 1.82 4.47
N SER A 218 35.12 2.00 5.30
CA SER A 218 35.39 3.30 5.92
C SER A 218 36.88 3.48 6.26
N GLY A 219 37.38 4.69 6.02
CA GLY A 219 38.74 5.08 6.35
C GLY A 219 38.79 5.92 7.61
N ASP A 220 37.84 5.64 8.52
CA ASP A 220 37.61 6.32 9.81
C ASP A 220 37.69 5.34 10.99
N ASN A 221 37.95 4.03 10.69
CA ASN A 221 38.02 2.88 11.62
C ASN A 221 36.60 2.54 12.18
N ALA A 222 35.56 3.22 11.65
CA ALA A 222 34.14 3.03 12.03
C ALA A 222 33.45 2.06 11.06
N ASP A 223 32.60 1.17 11.60
CA ASP A 223 31.95 0.12 10.80
C ASP A 223 30.51 -0.21 11.22
N TRP A 224 29.68 -0.59 10.22
CA TRP A 224 28.29 -1.06 10.40
C TRP A 224 28.36 -2.56 10.69
N GLN A 225 27.87 -2.99 11.86
CA GLN A 225 27.94 -4.39 12.27
C GLN A 225 26.59 -5.10 12.17
N ARG A 226 26.58 -6.34 11.63
CA ARG A 226 25.38 -7.14 11.51
C ARG A 226 25.17 -7.85 12.85
N VAL A 227 24.18 -7.38 13.63
CA VAL A 227 23.90 -7.91 14.97
C VAL A 227 22.43 -8.34 15.08
N SER A 228 22.15 -9.26 16.00
CA SER A 228 20.79 -9.73 16.28
C SER A 228 20.19 -8.91 17.43
N GLN A 229 21.08 -8.24 18.21
CA GLN A 229 20.74 -7.45 19.39
C GLN A 229 21.84 -6.39 19.70
N VAL A 230 21.45 -5.34 20.44
CA VAL A 230 22.32 -4.28 20.95
C VAL A 230 21.98 -4.11 22.45
N PRO A 231 22.98 -4.19 23.37
CA PRO A 231 22.68 -4.09 24.82
C PRO A 231 21.85 -2.87 25.24
N ARG A 232 22.12 -1.67 24.69
CA ARG A 232 21.37 -0.45 25.02
C ARG A 232 20.04 -0.37 24.24
N GLY A 233 19.94 -1.09 23.13
CA GLY A 233 18.75 -1.08 22.30
C GLY A 233 19.06 -1.08 20.81
N PRO A 234 18.28 -1.83 19.99
CA PRO A 234 17.11 -2.66 20.34
C PRO A 234 17.49 -4.07 20.82
N GLU A 235 16.60 -4.68 21.61
CA GLU A 235 16.81 -6.03 22.12
C GLU A 235 16.67 -7.09 20.99
N SER A 236 16.04 -6.72 19.87
CA SER A 236 15.83 -7.58 18.69
C SER A 236 15.59 -6.74 17.44
N ASP A 237 15.80 -7.36 16.26
CA ASP A 237 15.62 -6.75 14.94
C ASP A 237 14.15 -6.38 14.68
N HIS A 238 13.89 -5.61 13.62
CA HIS A 238 12.51 -5.23 13.29
C HIS A 238 11.78 -6.38 12.55
N SER A 239 12.42 -6.98 11.52
CA SER A 239 11.86 -8.02 10.65
C SER A 239 11.02 -9.03 11.42
N ASN A 240 11.59 -9.65 12.45
CA ASN A 240 10.88 -10.64 13.27
C ASN A 240 10.76 -10.12 14.69
N MET A 241 9.50 -9.90 15.13
CA MET A 241 9.17 -9.39 16.46
C MET A 241 8.01 -10.19 17.01
N GLY A 242 6.90 -10.17 16.27
CA GLY A 242 5.70 -10.96 16.57
C GLY A 242 5.80 -12.28 15.82
N GLN A 243 7.04 -12.81 15.72
CA GLN A 243 7.43 -14.04 15.03
C GLN A 243 8.44 -14.86 15.87
N CYS A 244 9.68 -14.33 16.13
CA CYS A 244 10.69 -15.06 16.91
C CYS A 244 11.64 -14.11 17.68
N GLN A 245 11.86 -12.89 17.15
CA GLN A 245 12.67 -11.78 17.70
C GLN A 245 14.21 -11.95 17.60
N GLY A 246 14.78 -12.92 18.32
CA GLY A 246 16.23 -13.16 18.40
C GLY A 246 16.92 -13.94 17.31
N SER A 247 16.16 -14.43 16.32
CA SER A 247 16.69 -15.21 15.20
C SER A 247 16.85 -14.32 13.94
N GLY A 248 16.55 -13.03 14.09
CA GLY A 248 16.64 -12.01 13.04
C GLY A 248 17.76 -11.02 13.29
N PHE A 249 18.22 -10.34 12.22
CA PHE A 249 19.34 -9.40 12.26
C PHE A 249 19.02 -8.03 11.67
N PHE A 250 19.92 -7.06 11.92
CA PHE A 250 19.88 -5.67 11.48
C PHE A 250 21.28 -5.10 11.47
N MET A 251 21.54 -4.00 10.74
CA MET A 251 22.85 -3.34 10.74
C MET A 251 22.91 -2.31 11.86
N HIS A 252 24.06 -2.17 12.53
CA HIS A 252 24.17 -1.21 13.63
C HIS A 252 25.46 -0.38 13.55
N PHE A 253 25.28 0.95 13.70
CA PHE A 253 26.38 1.91 13.76
C PHE A 253 26.57 2.28 15.22
N ASP A 254 27.54 1.63 15.89
CA ASP A 254 27.83 1.90 17.30
C ASP A 254 28.49 3.24 17.42
N SER A 255 27.84 4.19 18.10
CA SER A 255 28.35 5.55 18.29
C SER A 255 29.03 5.71 19.66
N SER A 256 28.70 4.81 20.61
CA SER A 256 29.24 4.80 21.98
C SER A 256 30.78 4.66 22.06
N SER A 257 31.40 3.91 21.11
CA SER A 257 32.85 3.64 21.13
C SER A 257 33.68 4.44 20.10
N VAL A 258 33.05 5.34 19.32
CA VAL A 258 33.76 6.12 18.30
C VAL A 258 33.90 7.61 18.70
N ASN A 259 34.87 8.32 18.10
CA ASN A 259 35.13 9.75 18.32
C ASN A 259 33.98 10.58 17.72
N VAL A 260 33.77 11.82 18.19
CA VAL A 260 32.73 12.71 17.65
C VAL A 260 33.14 13.14 16.24
N GLY A 261 32.21 13.01 15.30
CA GLY A 261 32.45 13.33 13.90
C GLY A 261 32.70 12.10 13.04
N ALA A 262 33.03 10.94 13.66
CA ALA A 262 33.32 9.68 12.98
C ALA A 262 32.11 9.17 12.20
N THR A 263 32.35 8.75 10.96
CA THR A 263 31.32 8.22 10.07
C THR A 263 31.72 6.85 9.56
N ALA A 264 30.70 6.04 9.25
CA ALA A 264 30.81 4.72 8.64
C ALA A 264 29.73 4.63 7.59
N VAL A 265 30.10 4.25 6.37
CA VAL A 265 29.11 4.15 5.30
C VAL A 265 28.77 2.69 5.00
N LEU A 266 27.51 2.49 4.59
CA LEU A 266 26.92 1.24 4.18
C LEU A 266 26.31 1.49 2.80
N GLU A 267 26.95 0.95 1.76
CA GLU A 267 26.57 1.13 0.37
C GLU A 267 25.77 -0.05 -0.15
N SER A 268 24.88 0.20 -1.12
CA SER A 268 24.12 -0.88 -1.76
C SER A 268 24.92 -1.39 -2.95
N ARG A 269 24.47 -2.49 -3.56
CA ARG A 269 25.06 -3.02 -4.78
C ARG A 269 24.62 -2.10 -5.93
N THR A 270 25.17 -2.29 -7.14
CA THR A 270 24.77 -1.45 -8.28
C THR A 270 23.31 -1.78 -8.64
N LEU A 271 22.46 -0.73 -8.64
CA LEU A 271 21.02 -0.80 -8.94
C LEU A 271 20.73 -0.11 -10.27
N TYR A 272 19.81 -0.70 -11.06
CA TYR A 272 19.47 -0.23 -12.41
C TYR A 272 18.01 0.27 -12.49
N PRO A 273 17.77 1.60 -12.50
CA PRO A 273 16.38 2.09 -12.54
C PRO A 273 15.76 2.00 -13.94
N LYS A 274 14.46 1.69 -13.99
CA LYS A 274 13.66 1.52 -15.22
C LYS A 274 12.64 2.64 -15.45
N ARG A 275 12.29 3.40 -14.38
CA ARG A 275 11.26 4.44 -14.44
C ARG A 275 11.79 5.87 -14.30
N GLY A 276 12.75 6.08 -13.39
CA GLY A 276 13.32 7.41 -13.18
C GLY A 276 12.94 8.08 -11.88
N PHE A 277 11.96 7.49 -11.14
CA PHE A 277 11.50 7.96 -9.82
C PHE A 277 11.46 6.76 -8.89
N GLN A 278 11.94 6.92 -7.63
CA GLN A 278 12.03 5.81 -6.67
C GLN A 278 11.56 6.22 -5.28
N CYS A 279 11.32 5.20 -4.42
CA CYS A 279 10.96 5.40 -3.03
C CYS A 279 11.74 4.45 -2.15
N LEU A 280 12.70 5.02 -1.43
CA LEU A 280 13.52 4.29 -0.48
C LEU A 280 12.83 4.38 0.86
N GLN A 281 12.69 3.23 1.53
CA GLN A 281 12.08 3.19 2.85
C GLN A 281 12.81 2.21 3.74
N PHE A 282 12.91 2.53 5.04
CA PHE A 282 13.60 1.73 6.03
C PHE A 282 13.08 2.04 7.43
N TYR A 283 13.45 1.19 8.40
CA TYR A 283 13.12 1.35 9.81
C TYR A 283 14.39 1.69 10.59
N LEU A 284 14.34 2.78 11.36
CA LEU A 284 15.47 3.27 12.13
C LEU A 284 15.24 3.16 13.64
N TYR A 285 16.32 2.85 14.37
CA TYR A 285 16.29 2.78 15.83
C TYR A 285 17.46 3.58 16.38
N ASN A 286 17.22 4.40 17.40
CA ASN A 286 18.29 5.18 18.00
C ASN A 286 18.38 4.89 19.50
N SER A 287 19.55 4.40 19.94
CA SER A 287 19.91 4.15 21.33
C SER A 287 21.06 5.08 21.74
N GLY A 288 21.54 5.88 20.77
CA GLY A 288 22.59 6.87 20.96
C GLY A 288 22.04 8.21 21.39
N SER A 289 22.77 9.29 21.06
CA SER A 289 22.39 10.66 21.41
C SER A 289 21.48 11.31 20.34
N GLU A 290 20.78 12.40 20.70
CA GLU A 290 19.91 13.12 19.78
C GLU A 290 20.76 13.87 18.72
N SER A 291 22.07 14.08 19.01
CA SER A 291 23.02 14.74 18.11
C SER A 291 23.41 13.81 16.96
N ASP A 292 23.32 12.48 17.17
CA ASP A 292 23.61 11.46 16.15
C ASP A 292 22.64 11.60 14.98
N GLN A 293 23.18 11.55 13.74
CA GLN A 293 22.36 11.69 12.54
C GLN A 293 22.69 10.65 11.45
N LEU A 294 21.73 10.41 10.53
CA LEU A 294 21.89 9.53 9.37
C LEU A 294 21.77 10.36 8.09
N ASN A 295 22.75 10.19 7.17
CA ASN A 295 22.76 10.90 5.90
C ASN A 295 22.61 9.91 4.75
N ILE A 296 21.67 10.18 3.83
CA ILE A 296 21.39 9.35 2.67
C ILE A 296 21.96 10.01 1.43
N TYR A 297 22.91 9.36 0.77
CA TYR A 297 23.52 9.84 -0.47
C TYR A 297 23.18 8.92 -1.63
N ILE A 298 23.34 9.41 -2.86
CA ILE A 298 23.14 8.62 -4.08
C ILE A 298 24.42 8.74 -4.91
N ARG A 299 25.00 7.60 -5.27
CA ARG A 299 26.23 7.54 -6.07
C ARG A 299 25.84 7.10 -7.48
N GLU A 300 25.53 8.08 -8.34
CA GLU A 300 25.09 7.88 -9.72
C GLU A 300 26.30 7.67 -10.65
N TYR A 301 26.27 6.59 -11.44
CA TYR A 301 27.35 6.24 -12.36
C TYR A 301 27.02 6.63 -13.79
N SER A 302 27.68 7.69 -14.25
CA SER A 302 27.55 8.24 -15.59
C SER A 302 28.73 7.76 -16.45
N ALA A 303 28.72 8.03 -17.75
CA ALA A 303 29.80 7.64 -18.67
C ALA A 303 31.04 8.52 -18.47
N ASP A 304 30.83 9.83 -18.20
CA ASP A 304 31.88 10.84 -17.99
C ASP A 304 32.62 10.68 -16.63
N ASN A 305 32.09 9.84 -15.70
CA ASN A 305 32.70 9.56 -14.40
C ASN A 305 32.32 8.15 -13.91
N VAL A 306 33.30 7.25 -13.93
CA VAL A 306 33.16 5.84 -13.53
C VAL A 306 33.29 5.68 -11.98
N ASP A 307 33.87 6.69 -11.29
CA ASP A 307 34.01 6.71 -9.84
C ASP A 307 32.69 7.09 -9.19
N GLY A 308 31.79 7.66 -9.99
CA GLY A 308 30.44 8.04 -9.61
C GLY A 308 30.25 9.48 -9.21
N ASN A 309 28.99 9.88 -9.08
CA ASN A 309 28.60 11.22 -8.65
C ASN A 309 27.78 11.07 -7.37
N LEU A 310 28.44 11.35 -6.24
CA LEU A 310 27.86 11.27 -4.92
C LEU A 310 27.10 12.58 -4.62
N THR A 311 25.82 12.44 -4.27
CA THR A 311 24.94 13.55 -3.95
C THR A 311 24.16 13.26 -2.68
N LEU A 312 24.18 14.19 -1.72
CA LEU A 312 23.42 14.06 -0.48
C LEU A 312 21.95 14.35 -0.79
N VAL A 313 21.04 13.40 -0.45
CA VAL A 313 19.62 13.55 -0.77
C VAL A 313 18.72 13.65 0.50
N GLU A 314 19.26 13.39 1.72
CA GLU A 314 18.49 13.46 2.96
C GLU A 314 19.38 13.50 4.22
N GLU A 315 19.03 14.37 5.17
CA GLU A 315 19.72 14.50 6.46
C GLU A 315 18.72 14.20 7.58
N ILE A 316 18.74 12.96 8.11
CA ILE A 316 17.83 12.57 9.19
C ILE A 316 18.51 12.91 10.53
N LYS A 317 18.06 14.00 11.17
CA LYS A 317 18.61 14.47 12.44
C LYS A 317 17.58 14.33 13.57
N GLU A 318 18.07 14.40 14.84
CA GLU A 318 17.30 14.32 16.09
C GLU A 318 16.24 13.21 16.03
N ILE A 319 16.72 11.98 15.80
CA ILE A 319 15.89 10.80 15.66
C ILE A 319 15.41 10.35 17.05
N PRO A 320 14.06 10.23 17.25
CA PRO A 320 13.53 9.79 18.55
C PRO A 320 14.05 8.43 19.01
N THR A 321 14.50 8.38 20.26
CA THR A 321 15.13 7.22 20.89
C THR A 321 14.13 6.16 21.41
N GLY A 322 14.62 4.93 21.49
CA GLY A 322 13.94 3.77 22.05
C GLY A 322 12.73 3.19 21.35
N SER A 323 12.68 3.25 20.00
CA SER A 323 11.59 2.70 19.17
C SER A 323 11.94 2.69 17.70
N TRP A 324 11.46 1.67 16.96
CA TRP A 324 11.65 1.57 15.50
C TRP A 324 10.80 2.63 14.79
N GLN A 325 11.43 3.43 13.92
CA GLN A 325 10.80 4.53 13.20
C GLN A 325 10.88 4.33 11.69
N LEU A 326 9.72 4.36 11.00
CA LEU A 326 9.68 4.20 9.55
C LEU A 326 9.94 5.53 8.85
N TYR A 327 10.89 5.52 7.90
CA TYR A 327 11.27 6.69 7.11
C TYR A 327 11.16 6.42 5.63
N HIS A 328 10.80 7.47 4.87
CA HIS A 328 10.68 7.45 3.42
C HIS A 328 11.55 8.54 2.80
N VAL A 329 12.28 8.20 1.72
CA VAL A 329 13.15 9.16 1.03
C VAL A 329 12.82 9.13 -0.47
N THR A 330 12.35 10.27 -1.01
CA THR A 330 11.99 10.46 -2.41
C THR A 330 13.26 10.58 -3.26
N LEU A 331 13.35 9.77 -4.33
CA LEU A 331 14.49 9.75 -5.25
C LEU A 331 14.06 9.94 -6.68
N LYS A 332 14.95 10.53 -7.50
CA LYS A 332 14.71 10.78 -8.92
C LYS A 332 15.97 10.47 -9.73
N VAL A 333 16.45 9.22 -9.59
CA VAL A 333 17.65 8.69 -10.25
C VAL A 333 17.24 8.04 -11.58
N THR A 334 17.93 8.40 -12.68
CA THR A 334 17.65 7.88 -14.04
C THR A 334 18.73 6.90 -14.53
N LYS A 335 19.96 7.03 -14.02
CA LYS A 335 21.13 6.19 -14.37
C LYS A 335 21.40 5.16 -13.26
N LYS A 336 22.26 4.15 -13.50
CA LYS A 336 22.62 3.13 -12.50
C LYS A 336 23.22 3.80 -11.26
N PHE A 337 22.81 3.37 -10.07
CA PHE A 337 23.22 4.03 -8.83
C PHE A 337 23.44 3.08 -7.65
N ARG A 338 23.90 3.66 -6.53
CA ARG A 338 24.14 2.99 -5.27
C ARG A 338 23.59 3.84 -4.16
N VAL A 339 22.79 3.25 -3.30
CA VAL A 339 22.23 3.96 -2.14
C VAL A 339 23.35 3.97 -1.08
N VAL A 340 23.66 5.15 -0.50
CA VAL A 340 24.75 5.29 0.48
C VAL A 340 24.18 5.75 1.84
N PHE A 341 24.24 4.86 2.84
CA PHE A 341 23.80 5.16 4.19
C PHE A 341 25.01 5.61 5.00
N GLU A 342 24.97 6.82 5.57
CA GLU A 342 26.08 7.34 6.37
C GLU A 342 25.65 7.72 7.78
N GLY A 343 26.13 6.97 8.77
CA GLY A 343 25.89 7.23 10.19
C GLY A 343 26.91 8.20 10.71
N ARG A 344 26.50 9.16 11.56
CA ARG A 344 27.43 10.15 12.09
C ARG A 344 27.23 10.36 13.59
N LYS A 345 28.30 10.14 14.38
CA LYS A 345 28.32 10.35 15.82
C LYS A 345 28.44 11.85 16.06
N GLY A 346 27.47 12.41 16.79
CA GLY A 346 27.42 13.83 17.09
C GLY A 346 27.89 14.22 18.48
N SER A 347 27.75 15.52 18.82
CA SER A 347 28.12 16.09 20.10
C SER A 347 26.95 15.98 21.09
N GLY A 348 26.96 14.92 21.87
CA GLY A 348 25.93 14.62 22.86
C GLY A 348 26.14 13.28 23.53
N ALA A 349 25.56 13.14 24.75
CA ALA A 349 25.66 11.93 25.56
C ALA A 349 24.96 10.72 24.90
N SER A 350 25.77 9.83 24.30
CA SER A 350 25.34 8.60 23.61
C SER A 350 25.60 7.38 24.51
N LEU A 351 24.93 6.25 24.22
CA LEU A 351 25.10 5.01 25.00
C LEU A 351 24.92 3.76 24.12
N GLY A 352 24.60 3.98 22.85
CA GLY A 352 24.38 2.93 21.85
C GLY A 352 24.80 3.37 20.47
N GLY A 353 23.81 3.49 19.58
CA GLY A 353 24.02 3.90 18.19
C GLY A 353 22.77 3.89 17.33
N LEU A 354 22.98 3.83 16.00
CA LEU A 354 21.89 3.81 15.01
C LEU A 354 21.73 2.45 14.38
N SER A 355 20.49 1.92 14.40
CA SER A 355 20.11 0.62 13.83
C SER A 355 19.21 0.79 12.61
N ILE A 356 19.38 -0.08 11.59
CA ILE A 356 18.58 -0.03 10.37
C ILE A 356 18.14 -1.46 9.99
N ASP A 357 16.88 -1.57 9.53
CA ASP A 357 16.28 -2.85 9.11
C ASP A 357 15.14 -2.59 8.11
N ASP A 358 14.70 -3.66 7.42
CA ASP A 358 13.61 -3.73 6.43
C ASP A 358 13.66 -2.58 5.40
N ILE A 359 14.83 -2.45 4.72
CA ILE A 359 15.10 -1.48 3.65
C ILE A 359 14.41 -1.96 2.38
N ASN A 360 13.51 -1.14 1.82
CA ASN A 360 12.77 -1.48 0.60
C ASN A 360 12.85 -0.37 -0.41
N LEU A 361 13.25 -0.72 -1.62
CA LEU A 361 13.36 0.25 -2.69
C LEU A 361 12.50 -0.17 -3.83
N SER A 362 11.58 0.71 -4.23
CA SER A 362 10.67 0.50 -5.33
C SER A 362 10.56 1.73 -6.18
N GLU A 363 10.22 1.56 -7.44
CA GLU A 363 10.04 2.67 -8.37
C GLU A 363 8.58 3.11 -8.33
N THR A 364 8.21 3.78 -7.21
CA THR A 364 6.88 4.31 -6.91
C THR A 364 7.01 5.67 -6.22
N ARG A 365 5.90 6.41 -6.10
CA ARG A 365 5.89 7.69 -5.40
C ARG A 365 5.80 7.44 -3.89
N CYS A 366 6.56 8.22 -3.11
CA CYS A 366 6.54 8.14 -1.66
C CYS A 366 5.22 8.74 -1.14
N PRO A 367 4.70 8.33 0.04
CA PRO A 367 3.44 8.94 0.50
C PRO A 367 3.66 10.39 0.89
N HIS A 368 2.72 11.28 0.52
CA HIS A 368 2.80 12.71 0.79
C HIS A 368 2.95 12.97 2.29
N HIS A 369 2.11 12.30 3.11
CA HIS A 369 2.15 12.44 4.57
C HIS A 369 1.96 11.07 5.23
N ILE A 370 2.52 10.93 6.45
CA ILE A 370 2.49 9.70 7.24
C ILE A 370 1.95 9.99 8.64
N TRP A 371 0.86 9.31 9.00
CA TRP A 371 0.27 9.39 10.32
C TRP A 371 0.68 8.13 11.07
N HIS A 372 1.57 8.28 12.05
CA HIS A 372 2.15 7.20 12.86
C HIS A 372 1.47 7.16 14.24
N ILE A 373 0.64 6.12 14.49
CA ILE A 373 -0.08 5.95 15.76
C ILE A 373 0.63 4.92 16.67
N ARG A 374 1.17 5.40 17.78
CA ARG A 374 1.86 4.58 18.79
C ARG A 374 0.83 4.05 19.81
N ASN A 375 1.14 2.92 20.50
CA ASN A 375 0.29 2.26 21.50
C ASN A 375 -1.15 2.08 20.99
N PHE A 376 -1.27 1.58 19.77
CA PHE A 376 -2.50 1.41 19.03
C PHE A 376 -3.52 0.44 19.68
N THR A 377 -3.11 -0.79 20.04
CA THR A 377 -3.94 -1.87 20.58
C THR A 377 -4.88 -1.42 21.72
N GLN A 378 -4.49 -0.42 22.53
CA GLN A 378 -5.34 0.06 23.62
C GLN A 378 -6.64 0.70 23.08
N PHE A 379 -6.60 1.26 21.85
CA PHE A 379 -7.73 1.96 21.22
C PHE A 379 -8.75 1.03 20.55
N ILE A 380 -8.36 -0.20 20.15
CA ILE A 380 -9.25 -1.14 19.47
C ILE A 380 -10.41 -1.52 20.42
N GLY A 381 -11.63 -1.17 20.03
CA GLY A 381 -12.85 -1.41 20.79
C GLY A 381 -12.97 -0.56 22.03
N SER A 382 -12.19 0.53 22.09
CA SER A 382 -12.14 1.46 23.22
C SER A 382 -13.10 2.64 23.02
N PRO A 383 -13.76 3.15 24.09
CA PRO A 383 -14.65 4.32 23.91
C PRO A 383 -13.86 5.55 23.47
N ASN A 384 -12.55 5.57 23.81
CA ASN A 384 -11.59 6.61 23.49
C ASN A 384 -10.79 6.25 22.20
N GLY A 385 -11.41 5.48 21.32
CA GLY A 385 -10.83 5.06 20.05
C GLY A 385 -11.27 5.95 18.91
N THR A 386 -11.47 7.23 19.21
CA THR A 386 -11.88 8.26 18.27
C THR A 386 -10.65 9.15 18.08
N LEU A 387 -9.86 8.85 17.05
CA LEU A 387 -8.62 9.56 16.81
C LEU A 387 -8.71 10.45 15.60
N TYR A 388 -8.13 11.64 15.75
CA TYR A 388 -7.98 12.65 14.72
C TYR A 388 -6.49 12.84 14.49
N SER A 389 -6.08 12.85 13.22
CA SER A 389 -4.68 13.00 12.81
C SER A 389 -4.18 14.41 13.05
N PRO A 390 -2.85 14.69 13.04
CA PRO A 390 -2.41 16.09 13.14
C PRO A 390 -2.77 16.82 11.82
N PRO A 391 -2.76 18.16 11.71
CA PRO A 391 -3.15 18.75 10.42
C PRO A 391 -2.09 18.54 9.34
N PHE A 392 -2.50 18.54 8.06
CA PHE A 392 -1.61 18.40 6.91
C PHE A 392 -2.05 19.28 5.75
N TYR A 393 -1.11 19.74 4.92
CA TYR A 393 -1.40 20.52 3.72
C TYR A 393 -1.15 19.70 2.47
N SER A 394 -2.11 19.70 1.53
CA SER A 394 -1.99 18.96 0.26
C SER A 394 -1.05 19.71 -0.72
N SER A 395 -0.69 19.04 -1.85
CA SER A 395 0.16 19.56 -2.92
C SER A 395 -0.34 20.91 -3.44
N LYS A 396 -1.67 21.05 -3.64
CA LYS A 396 -2.33 22.24 -4.15
C LYS A 396 -2.58 23.29 -3.04
N GLY A 397 -2.32 22.94 -1.78
CA GLY A 397 -2.44 23.85 -0.65
C GLY A 397 -3.63 23.73 0.30
N TYR A 398 -4.51 22.73 0.08
CA TYR A 398 -5.67 22.53 0.92
C TYR A 398 -5.27 21.91 2.27
N ALA A 399 -5.83 22.42 3.37
CA ALA A 399 -5.56 21.87 4.70
C ALA A 399 -6.51 20.70 4.98
N PHE A 400 -5.99 19.58 5.51
CA PHE A 400 -6.84 18.42 5.79
C PHE A 400 -6.46 17.67 7.08
N GLN A 401 -7.44 16.91 7.58
CA GLN A 401 -7.32 16.07 8.76
C GLN A 401 -7.96 14.72 8.46
N ILE A 402 -7.49 13.66 9.15
CA ILE A 402 -8.01 12.30 9.01
C ILE A 402 -8.61 11.88 10.35
N TYR A 403 -9.80 11.24 10.30
CA TYR A 403 -10.49 10.75 11.49
C TYR A 403 -10.55 9.25 11.42
N LEU A 404 -9.97 8.58 12.42
CA LEU A 404 -9.98 7.11 12.52
C LEU A 404 -10.83 6.69 13.74
N ASN A 405 -11.95 5.95 13.48
CA ASN A 405 -12.87 5.51 14.53
C ASN A 405 -12.71 4.01 14.79
N LEU A 406 -12.26 3.67 16.00
CA LEU A 406 -12.02 2.30 16.44
C LEU A 406 -12.94 1.91 17.60
N ALA A 407 -13.83 2.84 18.02
CA ALA A 407 -14.77 2.65 19.13
C ALA A 407 -15.81 1.57 18.85
N HIS A 408 -16.10 1.31 17.57
CA HIS A 408 -17.06 0.30 17.16
C HIS A 408 -16.62 -1.09 17.63
N VAL A 409 -17.60 -1.96 17.84
CA VAL A 409 -17.38 -3.30 18.37
C VAL A 409 -16.85 -4.29 17.30
N THR A 410 -17.01 -4.00 15.96
CA THR A 410 -16.60 -4.91 14.88
C THR A 410 -15.70 -4.28 13.79
N ASN A 411 -16.06 -3.07 13.28
CA ASN A 411 -15.34 -2.43 12.18
C ASN A 411 -14.70 -1.11 12.54
N ALA A 412 -13.57 -0.85 11.91
CA ALA A 412 -12.84 0.41 12.00
C ALA A 412 -13.28 1.29 10.85
N GLY A 413 -13.45 2.57 11.14
CA GLY A 413 -13.82 3.57 10.14
C GLY A 413 -12.73 4.59 9.95
N ILE A 414 -12.63 5.16 8.73
CA ILE A 414 -11.68 6.21 8.37
C ILE A 414 -12.42 7.26 7.55
N TYR A 415 -12.13 8.55 7.80
CA TYR A 415 -12.81 9.66 7.11
C TYR A 415 -11.85 10.80 6.80
N PHE A 416 -11.98 11.33 5.57
CA PHE A 416 -11.22 12.48 5.11
C PHE A 416 -12.04 13.73 5.35
N HIS A 417 -11.42 14.73 5.97
CA HIS A 417 -12.01 16.02 6.30
C HIS A 417 -11.16 17.18 5.78
N LEU A 418 -11.80 18.17 5.16
CA LEU A 418 -11.10 19.39 4.80
C LEU A 418 -11.17 20.27 6.04
N ILE A 419 -10.10 21.01 6.32
CA ILE A 419 -10.06 21.89 7.48
C ILE A 419 -9.59 23.29 7.04
N SER A 420 -9.84 24.30 7.89
CA SER A 420 -9.45 25.67 7.63
C SER A 420 -7.91 25.78 7.63
N GLY A 421 -7.39 26.25 6.51
CA GLY A 421 -5.95 26.43 6.30
C GLY A 421 -5.56 27.86 6.06
N ALA A 422 -4.26 28.08 5.86
CA ALA A 422 -3.68 29.40 5.63
C ALA A 422 -3.88 29.88 4.18
N ASN A 423 -3.82 28.96 3.21
CA ASN A 423 -3.94 29.25 1.78
C ASN A 423 -5.43 29.42 1.32
N ASP A 424 -6.41 29.13 2.22
CA ASP A 424 -7.86 29.16 1.98
C ASP A 424 -8.38 30.39 1.19
N ASP A 425 -7.76 31.57 1.38
CA ASP A 425 -8.15 32.78 0.66
C ASP A 425 -7.85 32.73 -0.83
N GLN A 426 -6.85 31.93 -1.25
CA GLN A 426 -6.45 31.87 -2.65
C GLN A 426 -6.75 30.50 -3.29
N LEU A 427 -7.57 29.67 -2.63
CA LEU A 427 -7.92 28.34 -3.14
C LEU A 427 -9.24 28.34 -3.88
N GLN A 428 -9.44 27.34 -4.76
CA GLN A 428 -10.68 27.19 -5.52
C GLN A 428 -11.69 26.46 -4.64
N TRP A 429 -12.89 27.04 -4.48
CA TRP A 429 -13.94 26.46 -3.66
C TRP A 429 -15.27 26.35 -4.44
N PRO A 430 -15.97 25.20 -4.33
CA PRO A 430 -15.62 23.99 -3.55
C PRO A 430 -14.39 23.32 -4.14
N CYS A 431 -13.59 22.63 -3.31
CA CYS A 431 -12.36 21.93 -3.69
C CYS A 431 -12.59 20.98 -4.89
N PRO A 432 -11.97 21.25 -6.08
CA PRO A 432 -12.27 20.43 -7.26
C PRO A 432 -11.29 19.28 -7.55
N TRP A 433 -11.84 18.06 -7.50
CA TRP A 433 -11.26 16.77 -7.86
C TRP A 433 -9.86 16.50 -7.29
N GLN A 434 -9.77 16.44 -5.95
CA GLN A 434 -8.55 16.08 -5.23
C GLN A 434 -8.74 14.68 -4.68
N GLN A 435 -7.91 13.73 -5.17
CA GLN A 435 -8.01 12.35 -4.71
C GLN A 435 -7.11 12.16 -3.49
N ALA A 436 -7.74 11.82 -2.36
CA ALA A 436 -7.08 11.55 -1.08
C ALA A 436 -7.08 10.06 -0.82
N THR A 437 -5.90 9.44 -0.87
CA THR A 437 -5.66 8.00 -0.73
C THR A 437 -5.12 7.67 0.69
N MET A 438 -5.95 7.00 1.50
CA MET A 438 -5.63 6.59 2.85
C MET A 438 -5.24 5.11 2.84
N THR A 439 -4.00 4.79 3.26
CA THR A 439 -3.48 3.43 3.26
C THR A 439 -3.02 2.95 4.64
N LEU A 440 -3.66 1.89 5.15
CA LEU A 440 -3.24 1.22 6.40
C LEU A 440 -2.14 0.24 6.01
N LEU A 441 -0.89 0.60 6.33
CA LEU A 441 0.31 -0.17 5.97
C LEU A 441 0.44 -1.50 6.72
N ASP A 442 0.61 -2.61 5.96
CA ASP A 442 0.95 -3.96 6.43
C ASP A 442 2.47 -3.93 6.47
N GLN A 443 3.05 -3.72 7.67
CA GLN A 443 4.49 -3.53 7.91
C GLN A 443 5.31 -4.82 7.74
N ASN A 444 5.12 -5.52 6.62
CA ASN A 444 5.83 -6.75 6.26
C ASN A 444 7.28 -6.43 5.88
N PRO A 445 8.26 -7.30 6.25
CA PRO A 445 9.66 -7.01 5.93
C PRO A 445 9.93 -6.89 4.43
N ASP A 446 9.09 -7.53 3.59
CA ASP A 446 9.20 -7.48 2.13
C ASP A 446 8.02 -6.72 1.52
N ILE A 447 8.32 -5.61 0.81
CA ILE A 447 7.32 -4.74 0.14
C ILE A 447 6.36 -5.58 -0.77
N ARG A 448 6.90 -6.64 -1.40
CA ARG A 448 6.21 -7.53 -2.33
C ARG A 448 5.20 -8.42 -1.64
N GLN A 449 5.36 -8.62 -0.31
CA GLN A 449 4.47 -9.47 0.50
C GLN A 449 3.54 -8.60 1.37
N ARG A 450 3.42 -7.30 1.07
CA ARG A 450 2.59 -6.39 1.85
C ARG A 450 1.18 -6.36 1.29
N MET A 451 0.19 -6.65 2.14
CA MET A 451 -1.23 -6.59 1.78
C MET A 451 -1.84 -5.39 2.49
N SER A 452 -1.36 -4.19 2.14
CA SER A 452 -1.80 -2.93 2.73
C SER A 452 -3.26 -2.62 2.36
N ASN A 453 -4.04 -2.18 3.37
CA ASN A 453 -5.44 -1.82 3.26
C ASN A 453 -5.53 -0.38 2.75
N GLN A 454 -6.19 -0.16 1.60
CA GLN A 454 -6.26 1.17 1.00
C GLN A 454 -7.68 1.57 0.64
N ARG A 455 -7.99 2.88 0.79
CA ARG A 455 -9.26 3.51 0.40
C ARG A 455 -8.99 4.93 -0.06
N SER A 456 -9.54 5.29 -1.23
CA SER A 456 -9.42 6.59 -1.86
C SER A 456 -10.77 7.23 -2.08
N ILE A 457 -10.85 8.55 -1.87
CA ILE A 457 -12.04 9.36 -2.08
C ILE A 457 -11.63 10.57 -2.92
N THR A 458 -12.54 11.10 -3.74
CA THR A 458 -12.27 12.28 -4.56
C THR A 458 -13.29 13.36 -4.18
N THR A 459 -12.80 14.61 -4.10
CA THR A 459 -13.63 15.78 -3.75
C THR A 459 -14.47 16.19 -4.97
N ASP A 460 -15.82 16.04 -4.89
CA ASP A 460 -16.75 16.41 -5.96
C ASP A 460 -17.31 17.82 -5.67
N PRO A 461 -16.90 18.83 -6.47
CA PRO A 461 -17.36 20.21 -6.24
C PRO A 461 -18.84 20.47 -6.55
N PHE A 462 -19.60 19.42 -6.92
CA PHE A 462 -21.04 19.53 -7.20
C PHE A 462 -21.85 18.79 -6.12
N MET A 463 -21.15 17.98 -5.28
CA MET A 463 -21.74 17.24 -4.18
C MET A 463 -22.31 18.24 -3.18
N THR A 464 -23.63 18.30 -3.13
CA THR A 464 -24.39 19.23 -2.28
C THR A 464 -24.79 18.55 -0.96
N THR A 465 -24.78 19.34 0.14
CA THR A 465 -25.14 18.90 1.49
C THR A 465 -26.64 18.63 1.60
N ASP A 466 -27.07 18.18 2.79
CA ASP A 466 -28.47 17.91 3.12
C ASP A 466 -29.27 19.22 3.34
N ASN A 467 -28.68 20.40 2.99
CA ASN A 467 -29.33 21.72 3.08
C ASN A 467 -28.61 22.79 2.24
N GLY A 468 -28.97 22.84 0.95
CA GLY A 468 -28.54 23.83 -0.05
C GLY A 468 -27.08 24.04 -0.41
N ASN A 469 -26.18 24.05 0.60
CA ASN A 469 -24.74 24.31 0.46
C ASN A 469 -23.97 23.15 -0.22
N TYR A 470 -22.67 23.41 -0.53
CA TYR A 470 -21.75 22.44 -1.12
C TYR A 470 -20.97 21.72 -0.03
N PHE A 471 -20.86 20.38 -0.13
CA PHE A 471 -20.18 19.51 0.84
C PHE A 471 -18.70 19.86 1.00
N TRP A 472 -18.00 20.10 -0.13
CA TRP A 472 -16.57 20.40 -0.20
C TRP A 472 -16.29 21.90 -0.31
N ASP A 473 -17.24 22.73 0.15
CA ASP A 473 -17.07 24.18 0.18
C ASP A 473 -16.11 24.56 1.32
N ARG A 474 -15.65 25.84 1.37
CA ARG A 474 -14.74 26.36 2.39
C ARG A 474 -15.20 25.90 3.81
N PRO A 475 -14.35 25.19 4.61
CA PRO A 475 -14.81 24.73 5.93
C PRO A 475 -15.31 25.86 6.84
N SER A 476 -14.71 27.07 6.75
CA SER A 476 -15.12 28.24 7.52
C SER A 476 -16.60 28.57 7.29
N LYS A 477 -17.13 28.19 6.10
CA LYS A 477 -18.48 28.42 5.57
C LYS A 477 -19.47 27.24 5.82
N VAL A 478 -19.00 25.96 5.77
CA VAL A 478 -19.89 24.79 5.90
C VAL A 478 -19.53 23.82 7.05
N GLY A 479 -18.30 23.90 7.55
CA GLY A 479 -17.80 23.00 8.59
C GLY A 479 -18.30 23.23 10.00
N THR A 480 -17.69 22.50 10.94
CA THR A 480 -18.00 22.58 12.37
C THR A 480 -16.78 23.11 13.08
N VAL A 481 -16.98 23.78 14.22
CA VAL A 481 -15.90 24.31 15.04
C VAL A 481 -15.22 23.16 15.78
N ALA A 482 -13.88 23.15 15.82
CA ALA A 482 -13.10 22.12 16.50
C ALA A 482 -11.86 22.73 17.20
N LEU A 483 -11.08 21.91 17.95
CA LEU A 483 -9.90 22.39 18.65
C LEU A 483 -8.68 21.52 18.40
N PHE A 484 -7.56 22.17 18.03
CA PHE A 484 -6.28 21.51 17.85
C PHE A 484 -5.71 21.16 19.23
N SER A 485 -4.91 20.06 19.30
CA SER A 485 -4.27 19.53 20.50
C SER A 485 -3.66 20.61 21.43
N ASN A 486 -3.19 21.74 20.87
CA ASN A 486 -2.59 22.83 21.65
C ASN A 486 -3.61 23.82 22.25
N GLY A 487 -4.83 23.83 21.70
CA GLY A 487 -5.88 24.74 22.17
C GLY A 487 -6.45 25.71 21.16
N THR A 488 -5.79 25.87 19.98
CA THR A 488 -6.21 26.75 18.88
C THR A 488 -7.47 26.17 18.20
N GLN A 489 -8.42 27.06 17.88
CA GLN A 489 -9.70 26.75 17.25
C GLN A 489 -9.63 26.79 15.72
N PHE A 490 -10.36 25.88 15.06
CA PHE A 490 -10.43 25.78 13.60
C PHE A 490 -11.80 25.27 13.14
N ARG A 491 -11.99 25.19 11.83
CA ARG A 491 -13.23 24.71 11.24
C ARG A 491 -12.99 23.42 10.51
N ARG A 492 -13.64 22.33 10.96
CA ARG A 492 -13.52 21.02 10.33
C ARG A 492 -14.72 20.78 9.40
N GLY A 493 -14.43 20.64 8.11
CA GLY A 493 -15.45 20.41 7.09
C GLY A 493 -16.11 19.05 7.21
N GLY A 494 -16.89 18.68 6.21
CA GLY A 494 -17.58 17.39 6.18
C GLY A 494 -16.61 16.22 6.13
N GLY A 495 -17.01 15.11 6.75
CA GLY A 495 -16.22 13.89 6.79
C GLY A 495 -16.61 12.88 5.74
N TYR A 496 -15.67 12.51 4.87
CA TYR A 496 -15.98 11.56 3.81
C TYR A 496 -14.99 10.41 3.76
N GLY A 497 -15.53 9.22 3.93
CA GLY A 497 -14.80 7.96 3.91
C GLY A 497 -15.77 6.81 4.03
N THR A 498 -15.39 5.80 4.84
CA THR A 498 -16.17 4.59 5.08
C THR A 498 -16.20 4.22 6.58
N SER A 499 -17.24 3.47 6.97
CA SER A 499 -17.47 2.97 8.32
C SER A 499 -16.92 1.53 8.50
N ALA A 500 -16.57 0.89 7.37
CA ALA A 500 -16.04 -0.47 7.29
C ALA A 500 -14.70 -0.47 6.54
N PHE A 501 -13.74 0.36 7.02
CA PHE A 501 -12.39 0.50 6.43
C PHE A 501 -11.62 -0.82 6.50
N ILE A 502 -11.71 -1.50 7.66
CA ILE A 502 -11.09 -2.79 7.98
C ILE A 502 -11.82 -3.33 9.23
N THR A 503 -11.97 -4.65 9.36
CA THR A 503 -12.59 -5.17 10.58
C THR A 503 -11.51 -5.21 11.65
N HIS A 504 -11.90 -5.22 12.93
CA HIS A 504 -10.93 -5.29 14.02
C HIS A 504 -10.15 -6.62 13.98
N GLU A 505 -10.78 -7.70 13.49
CA GLU A 505 -10.13 -9.00 13.34
C GLU A 505 -9.04 -8.98 12.27
N ARG A 506 -9.27 -8.27 11.15
CA ARG A 506 -8.30 -8.11 10.07
C ARG A 506 -7.19 -7.16 10.48
N LEU A 507 -7.56 -6.08 11.19
CA LEU A 507 -6.64 -5.06 11.72
C LEU A 507 -5.57 -5.73 12.60
N LYS A 508 -6.01 -6.65 13.48
CA LYS A 508 -5.17 -7.44 14.40
C LYS A 508 -4.43 -8.61 13.66
N SER A 509 -4.56 -8.72 12.32
CA SER A 509 -3.88 -9.77 11.56
C SER A 509 -2.65 -9.20 10.83
N ARG A 510 -1.91 -10.09 10.13
CA ARG A 510 -0.72 -9.76 9.35
C ARG A 510 0.24 -8.86 10.17
N ASP A 511 0.73 -7.74 9.60
CA ASP A 511 1.63 -6.82 10.30
C ASP A 511 1.13 -5.38 10.24
N PHE A 512 -0.19 -5.15 10.38
CA PHE A 512 -0.74 -3.78 10.37
C PHE A 512 -0.33 -3.11 11.65
N ILE A 513 -0.34 -3.87 12.76
CA ILE A 513 0.15 -3.47 14.08
C ILE A 513 1.50 -4.19 14.24
N LYS A 514 2.57 -3.43 14.53
CA LYS A 514 3.92 -3.99 14.70
C LYS A 514 4.66 -3.11 15.68
N GLY A 515 4.93 -3.68 16.85
CA GLY A 515 5.55 -2.98 17.97
C GLY A 515 4.55 -2.00 18.53
N ASP A 516 3.25 -2.40 18.49
CA ASP A 516 2.05 -1.65 18.90
C ASP A 516 1.96 -0.32 18.11
N ASP A 517 2.65 -0.24 16.95
CA ASP A 517 2.68 0.91 16.06
C ASP A 517 1.85 0.64 14.84
N VAL A 518 1.27 1.70 14.27
CA VAL A 518 0.47 1.67 13.04
C VAL A 518 0.88 2.91 12.23
N TYR A 519 0.94 2.77 10.91
CA TYR A 519 1.27 3.84 9.99
C TYR A 519 0.18 3.95 8.95
N ILE A 520 -0.45 5.11 8.84
CA ILE A 520 -1.47 5.34 7.82
C ILE A 520 -0.86 6.34 6.86
N LEU A 521 -0.55 5.87 5.65
CA LEU A 521 0.08 6.68 4.61
C LEU A 521 -0.97 7.48 3.84
N LEU A 522 -0.65 8.74 3.53
CA LEU A 522 -1.59 9.64 2.85
C LEU A 522 -0.97 10.29 1.63
N THR A 523 -1.76 10.37 0.55
CA THR A 523 -1.40 11.00 -0.72
C THR A 523 -2.64 11.73 -1.24
N VAL A 524 -2.55 13.06 -1.36
CA VAL A 524 -3.63 13.91 -1.83
C VAL A 524 -3.14 14.60 -3.10
N GLU A 525 -3.74 14.27 -4.25
CA GLU A 525 -3.33 14.87 -5.53
C GLU A 525 -4.54 15.27 -6.41
N ASP A 526 -4.31 16.27 -7.28
CA ASP A 526 -5.30 16.75 -8.24
C ASP A 526 -5.45 15.70 -9.34
N ILE A 527 -6.66 15.23 -9.61
CA ILE A 527 -6.88 14.21 -10.65
C ILE A 527 -7.80 14.74 -11.74
N SER A 528 -7.95 16.07 -11.85
CA SER A 528 -8.80 16.77 -12.82
C SER A 528 -8.40 16.48 -14.29
N HIS A 529 -7.17 15.98 -14.51
CA HIS A 529 -6.66 15.65 -15.84
C HIS A 529 -7.28 14.34 -16.38
N LEU A 530 -8.02 13.61 -15.54
CA LEU A 530 -8.63 12.34 -15.92
C LEU A 530 -10.04 12.50 -16.54
N ASN A 531 -10.69 13.70 -16.43
CA ASN A 531 -12.03 13.96 -17.00
C ASN A 531 -11.99 13.85 -18.55
N SER A 532 -10.86 14.24 -19.17
CA SER A 532 -10.66 14.15 -20.60
C SER A 532 -9.64 13.04 -20.91
N THR A 533 -10.13 11.86 -21.35
CA THR A 533 -9.33 10.67 -21.69
C THR A 533 -9.85 10.03 -22.98
C1 NAG B . 5.74 -19.63 -21.02
C2 NAG B . 5.02 -20.91 -20.60
C3 NAG B . 4.95 -21.66 -21.93
C4 NAG B . 4.17 -20.89 -22.99
C5 NAG B . 4.51 -19.39 -23.02
C6 NAG B . 3.42 -18.54 -23.63
C7 NAG B . 5.08 -22.33 -18.58
C8 NAG B . 5.80 -23.48 -17.96
N2 NAG B . 5.71 -21.72 -19.60
O3 NAG B . 4.34 -22.94 -21.73
O4 NAG B . 4.59 -21.38 -24.26
O5 NAG B . 4.74 -18.88 -21.69
O6 NAG B . 3.40 -18.65 -25.04
O7 NAG B . 3.97 -21.96 -18.18
C1 NAG B . 3.74 -22.19 -25.06
C2 NAG B . 4.49 -22.50 -26.36
C3 NAG B . 3.72 -23.50 -27.22
C4 NAG B . 3.29 -24.72 -26.40
C5 NAG B . 2.54 -24.28 -25.14
C6 NAG B . 2.18 -25.43 -24.23
C7 NAG B . 5.85 -20.52 -27.04
C8 NAG B . 5.82 -19.22 -27.77
N2 NAG B . 4.72 -21.26 -27.09
O3 NAG B . 4.54 -23.92 -28.30
O4 NAG B . 2.45 -25.55 -27.20
O5 NAG B . 3.38 -23.39 -24.38
O6 NAG B . 1.56 -24.96 -23.04
O7 NAG B . 6.85 -20.90 -26.42
C1 NAG C . 26.25 15.28 -10.39
C2 NAG C . 26.18 15.95 -11.78
C3 NAG C . 25.44 17.27 -11.67
C4 NAG C . 24.08 17.08 -11.00
C5 NAG C . 24.23 16.37 -9.66
C6 NAG C . 22.91 15.99 -9.02
C7 NAG C . 28.08 15.37 -13.25
C8 NAG C . 29.42 15.80 -13.75
N2 NAG C . 27.52 16.16 -12.31
O3 NAG C . 25.21 17.79 -12.99
O4 NAG C . 23.40 18.33 -10.86
O5 NAG C . 24.94 15.14 -9.84
O6 NAG C . 22.10 15.21 -9.90
O7 NAG C . 27.52 14.36 -13.67
C1 NAG C . 22.07 18.41 -11.31
C2 NAG C . 21.28 19.39 -10.44
C3 NAG C . 19.84 19.49 -10.96
C4 NAG C . 19.81 19.79 -12.47
C5 NAG C . 20.66 18.76 -13.21
C6 NAG C . 20.77 18.99 -14.70
C7 NAG C . 21.40 19.72 -7.99
C8 NAG C . 21.30 19.05 -6.65
N2 NAG C . 21.28 18.92 -9.07
O3 NAG C . 19.17 20.52 -10.24
O4 NAG C . 18.48 19.74 -12.96
O5 NAG C . 22.01 18.76 -12.69
O6 NAG C . 21.48 17.92 -15.34
O7 NAG C . 21.58 20.93 -8.09
C1 BMA C . 17.66 20.92 -12.95
C2 BMA C . 16.85 20.96 -14.26
C3 BMA C . 15.88 22.14 -14.22
C4 BMA C . 14.97 22.04 -13.00
C5 BMA C . 15.82 21.98 -11.73
C6 BMA C . 15.02 21.74 -10.47
O2 BMA C . 16.15 19.74 -14.45
O3 BMA C . 15.13 22.23 -15.44
O4 BMA C . 14.10 23.16 -12.96
O5 BMA C . 16.76 20.89 -11.82
O6 BMA C . 15.63 22.30 -9.31
C1 MAN C . 15.76 22.83 -16.56
C2 MAN C . 14.80 23.82 -17.26
C3 MAN C . 13.75 23.11 -18.12
C4 MAN C . 14.38 22.04 -19.02
C5 MAN C . 15.25 21.10 -18.19
C6 MAN C . 15.99 20.06 -19.02
O2 MAN C . 15.53 24.76 -18.04
O3 MAN C . 13.04 24.04 -18.90
O4 MAN C . 13.36 21.31 -19.68
O5 MAN C . 16.26 21.85 -17.50
O6 MAN C . 15.11 19.03 -19.47
C1 MAN C . 16.38 21.41 -8.51
C2 MAN C . 15.53 20.94 -7.32
C3 MAN C . 15.37 22.05 -6.27
C4 MAN C . 16.72 22.67 -5.90
C5 MAN C . 17.46 23.11 -7.16
C6 MAN C . 18.85 23.67 -6.89
O2 MAN C . 16.07 19.76 -6.75
O3 MAN C . 14.73 21.52 -5.11
O4 MAN C . 16.49 23.81 -5.05
O5 MAN C . 17.62 21.99 -8.05
O6 MAN C . 19.74 22.69 -6.38
C1 FUC C . 26.09 18.79 -13.52
C2 FUC C . 25.72 19.04 -14.99
C3 FUC C . 24.48 19.94 -15.11
C4 FUC C . 24.65 21.24 -14.31
C5 FUC C . 24.94 20.88 -12.84
C6 FUC C . 25.23 22.09 -11.98
O2 FUC C . 25.47 17.80 -15.64
O3 FUC C . 24.21 20.24 -16.47
O4 FUC C . 25.70 22.02 -14.86
O5 FUC C . 26.09 20.01 -12.77
C1 FUC C . 20.80 14.99 -9.41
C2 FUC C . 19.94 14.41 -10.54
C3 FUC C . 20.19 12.92 -10.78
C4 FUC C . 20.18 12.11 -9.47
C5 FUC C . 21.16 12.74 -8.50
C6 FUC C . 21.18 12.05 -7.14
O2 FUC C . 20.13 15.15 -11.75
O3 FUC C . 19.22 12.39 -11.68
O4 FUC C . 18.86 12.08 -8.92
O5 FUC C . 20.81 14.11 -8.27
C1 NAG D . -1.74 25.33 17.46
C2 NAG D . -0.73 26.37 17.01
C3 NAG D . -1.25 26.87 15.68
C4 NAG D . -1.35 25.71 14.68
C5 NAG D . -2.30 24.64 15.20
C6 NAG D . -2.31 23.38 14.36
C7 NAG D . 0.30 27.52 18.95
C8 NAG D . 0.40 28.83 19.67
N2 NAG D . -0.62 27.46 17.96
O3 NAG D . -0.40 27.90 15.18
O4 NAG D . -1.70 26.17 13.38
O5 NAG D . -1.93 24.25 16.53
O6 NAG D . -1.07 22.70 14.42
O7 NAG D . 1.02 26.57 19.24
C1 NAG D . -0.66 26.20 12.43
C2 NAG D . -1.26 26.41 11.04
C3 NAG D . -0.07 26.46 10.08
C4 NAG D . 0.90 27.57 10.47
C5 NAG D . 1.41 27.36 11.90
C6 NAG D . 2.21 28.51 12.42
C7 NAG D . -3.51 25.39 10.85
C8 NAG D . -4.29 24.29 10.19
N2 NAG D . -2.18 25.35 10.65
O3 NAG D . -0.54 26.65 8.75
O4 NAG D . 2.02 27.62 9.61
O5 NAG D . 0.28 27.21 12.77
O6 NAG D . 1.42 29.68 12.59
O7 NAG D . -4.07 26.27 11.50
C1 BMA D . 1.98 28.49 8.52
C2 BMA D . 3.37 29.10 8.30
C3 BMA D . 3.40 29.95 7.02
C4 BMA D . 2.85 29.17 5.83
C5 BMA D . 1.49 28.56 6.16
C6 BMA D . 0.93 27.65 5.09
O2 BMA D . 4.36 28.08 8.25
O3 BMA D . 4.72 30.38 6.75
O4 BMA D . 2.77 30.02 4.70
O5 BMA D . 1.59 27.76 7.35
O6 BMA D . 1.75 26.51 4.88
C1 MAN D . 1.46 25.79 3.73
C2 MAN D . 2.52 24.69 3.56
C3 MAN D . 3.85 25.30 3.14
C4 MAN D . 3.70 26.15 1.89
C5 MAN D . 2.60 27.20 2.09
C6 MAN D . 2.27 27.93 0.80
O2 MAN D . 2.06 23.74 2.60
O3 MAN D . 4.83 24.29 2.95
O4 MAN D . 4.92 26.81 1.58
O5 MAN D . 1.39 26.58 2.53
O6 MAN D . 2.02 27.00 -0.23
C1 MAN D . 6.11 24.47 3.55
C2 MAN D . 7.14 23.52 2.93
C3 MAN D . 6.85 22.09 3.37
C4 MAN D . 6.78 21.98 4.89
C5 MAN D . 5.80 23.00 5.47
C6 MAN D . 5.84 23.10 6.98
O2 MAN D . 8.47 23.85 3.34
O3 MAN D . 7.87 21.22 2.88
O4 MAN D . 6.37 20.67 5.25
O5 MAN D . 6.09 24.32 4.98
O6 MAN D . 6.98 23.84 7.43
C1 MAN D . 9.02 25.07 2.85
C2 MAN D . 10.54 24.89 2.71
C3 MAN D . 11.20 24.70 4.08
C4 MAN D . 10.79 25.80 5.06
C5 MAN D . 9.27 25.98 5.09
C6 MAN D . 8.81 27.15 5.92
O2 MAN D . 11.11 26.00 2.02
O3 MAN D . 12.61 24.64 3.95
O4 MAN D . 11.26 25.48 6.36
O5 MAN D . 8.77 26.16 3.76
O6 MAN D . 7.39 27.17 6.04
C1 MAN D . 1.63 27.58 -1.43
C2 MAN D . 0.57 26.70 -2.09
C3 MAN D . 1.19 25.45 -2.72
C4 MAN D . 2.37 25.79 -3.61
C5 MAN D . 3.38 26.66 -2.85
C6 MAN D . 4.52 27.15 -3.73
O2 MAN D . -0.13 27.46 -3.06
O3 MAN D . 0.20 24.75 -3.48
O4 MAN D . 3.01 24.60 -4.07
O5 MAN D . 2.72 27.82 -2.33
O6 MAN D . 5.29 28.16 -3.08
C1 MAN D . -1.48 27.76 -2.75
C2 MAN D . -2.21 27.98 -4.08
C3 MAN D . -1.74 29.26 -4.74
C4 MAN D . -1.83 30.45 -3.79
C5 MAN D . -1.13 30.15 -2.47
C6 MAN D . -1.38 31.22 -1.42
O2 MAN D . -3.61 27.98 -3.86
O3 MAN D . -2.50 29.52 -5.92
O4 MAN D . -1.20 31.58 -4.39
O5 MAN D . -1.61 28.91 -1.92
O6 MAN D . -0.78 30.90 -0.18
C1 MAN D . 5.08 31.73 7.04
C2 MAN D . 6.13 32.18 6.02
C3 MAN D . 7.43 31.39 6.20
C4 MAN D . 7.90 31.37 7.66
C5 MAN D . 6.77 31.04 8.63
C6 MAN D . 7.15 31.26 10.07
O2 MAN D . 6.39 33.57 6.09
O3 MAN D . 8.45 31.91 5.37
O4 MAN D . 8.93 30.38 7.80
O5 MAN D . 5.62 31.86 8.36
O6 MAN D . 6.04 31.00 10.94
C1 MAN D . 5.38 34.43 5.54
C2 MAN D . 5.62 34.67 4.04
C3 MAN D . 6.74 35.70 3.79
C4 MAN D . 6.53 36.96 4.63
C5 MAN D . 6.38 36.57 6.10
C6 MAN D . 6.11 37.76 7.01
O2 MAN D . 4.42 35.09 3.41
O3 MAN D . 6.79 36.03 2.41
O4 MAN D . 7.63 37.83 4.45
O5 MAN D . 5.27 35.67 6.26
O6 MAN D . 6.03 37.35 8.36
C1 NAG E . -35.28 -13.52 -2.01
C2 NAG E . -35.46 -13.67 -3.53
C3 NAG E . -36.90 -13.24 -3.85
C4 NAG E . -37.90 -14.12 -3.12
C5 NAG E . -37.59 -14.13 -1.61
C6 NAG E . -38.39 -15.16 -0.83
C7 NAG E . -34.45 -11.71 -4.69
C8 NAG E . -33.69 -11.32 -5.92
N2 NAG E . -34.51 -13.04 -4.42
O3 NAG E . -37.13 -13.28 -5.26
O4 NAG E . -39.20 -13.60 -3.38
O5 NAG E . -36.21 -14.42 -1.39
O6 NAG E . -38.09 -16.50 -1.21
O7 NAG E . -35.00 -10.87 -3.98
C1 NAG E . -40.28 -14.43 -3.87
C2 NAG E . -39.84 -15.34 -5.02
C3 NAG E . -40.91 -16.35 -5.44
C4 NAG E . -41.55 -17.01 -4.22
C5 NAG E . -41.99 -15.97 -3.20
C6 NAG E . -42.56 -16.55 -1.92
C7 NAG E . -39.69 -13.79 -6.98
C8 NAG E . -38.83 -13.38 -8.14
N2 NAG E . -39.18 -14.77 -6.18
O3 NAG E . -40.31 -17.35 -6.26
O4 NAG E . -42.70 -17.77 -4.62
O5 NAG E . -40.86 -15.18 -2.80
O6 NAG E . -42.81 -15.54 -0.96
O7 NAG E . -40.77 -13.27 -6.77
C1 NAG F . 2.53 4.69 25.27
C2 NAG F . 2.60 6.22 25.27
C3 NAG F . 3.70 6.64 26.23
C4 NAG F . 3.42 6.12 27.64
C5 NAG F . 3.16 4.61 27.62
C6 NAG F . 2.59 4.08 28.93
C7 NAG F . 2.24 7.83 23.43
C8 NAG F . 2.72 8.29 22.08
N2 NAG F . 2.86 6.75 23.94
O3 NAG F . 3.80 8.06 26.25
O4 NAG F . 4.46 6.51 28.55
O5 NAG F . 2.21 4.27 26.61
O6 NAG F . 1.18 4.23 29.03
O7 NAG F . 1.35 8.42 24.04
C1 NAG F . 5.79 5.96 28.45
C2 NAG F . 6.81 7.11 28.44
C3 NAG F . 8.21 6.50 28.40
C4 NAG F . 8.41 5.53 29.56
C5 NAG F . 7.33 4.45 29.54
C6 NAG F . 7.37 3.52 30.74
C7 NAG F . 6.46 9.35 27.43
C8 NAG F . 6.47 10.12 26.14
N2 NAG F . 6.62 8.01 27.32
O3 NAG F . 9.19 7.51 28.43
O4 NAG F . 9.70 4.93 29.48
O5 NAG F . 6.04 5.06 29.54
O6 NAG F . 8.46 2.61 30.68
O7 NAG F . 6.32 9.91 28.52
C1 FUC F . 0.56 3.40 29.98
C2 FUC F . -0.61 4.15 30.64
C3 FUC F . -1.87 4.14 29.75
C4 FUC F . -2.22 2.74 29.27
C5 FUC F . -1.02 2.13 28.55
C6 FUC F . -1.24 0.70 28.13
O2 FUC F . -0.24 5.48 30.97
O3 FUC F . -2.96 4.70 30.47
O4 FUC F . -2.64 1.93 30.37
O5 FUC F . 0.13 2.14 29.43
CD CD G . -16.12 -11.05 -10.03
NA NA H . 16.05 -8.07 9.94
C1 NAG I . -8.66 5.07 27.37
C2 NAG I . -9.05 3.58 27.39
C3 NAG I . -7.93 2.76 28.05
C4 NAG I . -6.56 3.15 27.51
C5 NAG I . -6.32 4.65 27.68
C6 NAG I . -4.98 5.14 27.19
C7 NAG I . -11.07 2.33 28.13
C8 NAG I . -12.23 2.34 29.09
N2 NAG I . -10.29 3.43 28.13
O3 NAG I . -8.15 1.37 27.84
O4 NAG I . -5.54 2.41 28.18
O5 NAG I . -7.32 5.37 26.95
O6 NAG I . -4.74 6.49 27.54
O7 NAG I . -10.84 1.38 27.39
C1 NAG J . -13.05 18.39 -18.66
C2 NAG J . -14.27 19.20 -18.19
C3 NAG J . -14.48 20.42 -19.09
C4 NAG J . -13.20 21.23 -19.21
C5 NAG J . -12.05 20.36 -19.73
C6 NAG J . -10.72 21.07 -19.77
C7 NAG J . -16.38 18.32 -17.24
C8 NAG J . -17.53 17.39 -17.45
N2 NAG J . -15.45 18.34 -18.21
O3 NAG J . -15.53 21.22 -18.58
O4 NAG J . -13.40 22.33 -20.09
O5 NAG J . -11.88 19.22 -18.85
O6 NAG J . -10.71 22.12 -20.73
O7 NAG J . -16.29 19.02 -16.23
C1 GOL K . -19.10 -7.68 -5.24
O1 GOL K . -19.13 -7.55 -6.65
C2 GOL K . -20.32 -7.00 -4.64
O2 GOL K . -20.88 -7.81 -3.63
C3 GOL K . -19.94 -5.62 -4.08
O3 GOL K . -20.33 -4.57 -4.96
#